data_6NN3
#
_entry.id   6NN3
#
_cell.length_a   1
_cell.length_b   1
_cell.length_c   1
_cell.angle_alpha   90.00
_cell.angle_beta   90.00
_cell.angle_gamma   90.00
#
_symmetry.space_group_name_H-M   'P 1'
#
loop_
_entity.id
_entity.type
_entity.pdbx_description
1 polymer 'VP2 of B19 parvovirus'
2 polymer 'Fab monoclonal antibody 860-55D, heavy chain'
3 polymer 'Fab monoclonal antibody 860-55D, light chain'
#
loop_
_entity_poly.entity_id
_entity_poly.type
_entity_poly.pdbx_seq_one_letter_code
_entity_poly.pdbx_strand_id
1 'polypeptide(L)'
;MTSVNSAEASTGAGGGSSNPVKSMWSEGATFSANSVTCTFSRQFLIPYDPEHHYKVFSPAASSCHNASGKEAKVCTISPI
MGYSTPWRYLDFNALNLFFSPLEFQHLIENYGSIAPDALTVTISEIAVKDVTDKTGGGVQVTDSTTGRLCMLVDHEYKYP
YVLGQGQDTLAPELPIWVYFPPQYAYLTVGDVNTQGISGDSKKLASEESAFYVLEHSSFQLLGTGGTATMSYKFPPVPPE
NLEGCSQHFYEMYNPLYGSRLGVPDTLGGDPKFRSLTHEDHAIQPQNFMPGPLVNSVSTKEGDSSNTGAGKALTGLSTGT
SQNTRISLRPGPVSQPYHHWDTDKYVTGINAISHGQTTYGNAEDKEYQQGVGRFPNEKEQLKQLQGLNMHTYFPNKGTQQ
YTDQIERPLMVGSVWNRRALHYESQLWSKIPNLDDSFKTQFAALGGWGLHQPPPQIFLKILPQSGPIGGIKSMGITTLVQ
YAVGIMTVTMTFKLGPRKATGRWNPQPGVYPPHAAGHLPYVLYDPTATDAKQHHRHGYEKPEELWTAKSRVHPL
;
A
2 'polypeptide(L)'
;QVQLQESGPGLVRPSQTLSLSCTVSGASISSGGYYWSWIRQHPGKGLEWIGHIYYSGTVYYNPSLRSRVSISIDNQLSLK
VASVTAADTAVYYCARVRVDSVRGAGDNGFDPWGHGTLVTV
;
H
3 'polypeptide(L)'
;AAALTQPLSVSVSPGQTAIFTCSGDNLGDKYVYWFQQRPGQSPALLIYQDNKRPSGIPERFSGSNSGNTATLTISGTQST
DEADYYCQTWDSTVVFGGGTKL
;
L
#
# COMPACT_ATOMS: atom_id res chain seq x y z
N VAL A 21 37.86 -3.96 -19.50
CA VAL A 21 37.02 -3.66 -18.35
C VAL A 21 35.99 -4.76 -18.17
N LYS A 22 35.69 -5.10 -16.92
CA LYS A 22 34.79 -6.20 -16.60
C LYS A 22 33.45 -5.65 -16.13
N SER A 23 32.36 -6.20 -16.65
CA SER A 23 31.01 -5.85 -16.22
C SER A 23 30.54 -6.92 -15.24
N MET A 24 30.21 -6.50 -14.02
CA MET A 24 29.91 -7.43 -12.94
C MET A 24 28.53 -7.18 -12.36
N TRP A 25 27.92 -8.25 -11.88
CA TRP A 25 26.74 -8.20 -11.03
C TRP A 25 27.25 -8.41 -9.61
N SER A 26 27.19 -7.36 -8.80
CA SER A 26 27.77 -7.38 -7.46
C SER A 26 26.68 -7.61 -6.43
N GLU A 27 26.97 -8.49 -5.48
CA GLU A 27 26.07 -8.76 -4.37
C GLU A 27 26.86 -9.42 -3.24
N GLY A 28 26.54 -9.06 -2.00
CA GLY A 28 27.15 -9.71 -0.86
C GLY A 28 27.70 -8.74 0.16
N ALA A 29 27.61 -9.10 1.44
CA ALA A 29 28.11 -8.29 2.53
C ALA A 29 29.50 -8.74 2.94
N THR A 30 30.35 -7.78 3.29
CA THR A 30 31.71 -8.05 3.78
C THR A 30 31.84 -7.40 5.14
N PHE A 31 31.98 -8.21 6.18
CA PHE A 31 32.04 -7.71 7.55
C PHE A 31 33.45 -7.34 7.96
N SER A 32 33.56 -6.49 8.96
CA SER A 32 34.80 -6.12 9.61
C SER A 32 34.53 -5.92 11.10
N ALA A 33 35.58 -5.58 11.85
CA ALA A 33 35.36 -5.12 13.21
C ALA A 33 34.71 -3.75 13.21
N ASN A 34 35.04 -2.93 12.23
CA ASN A 34 34.34 -1.71 11.89
C ASN A 34 33.19 -2.07 10.95
N SER A 35 32.69 -1.09 10.19
CA SER A 35 31.54 -1.18 9.30
C SER A 35 31.49 -2.36 8.34
N VAL A 36 30.28 -2.76 7.95
CA VAL A 36 30.03 -3.80 6.96
C VAL A 36 29.53 -3.14 5.69
N THR A 37 30.03 -3.60 4.53
CA THR A 37 29.63 -3.08 3.24
C THR A 37 28.76 -4.13 2.54
N CYS A 38 27.45 -3.86 2.48
CA CYS A 38 26.48 -4.81 1.93
C CYS A 38 25.90 -4.26 0.64
N THR A 39 26.15 -4.94 -0.47
CA THR A 39 25.59 -4.58 -1.75
C THR A 39 24.60 -5.64 -2.23
N PHE A 40 23.62 -5.21 -3.02
CA PHE A 40 22.74 -6.14 -3.71
C PHE A 40 22.53 -5.65 -5.12
N SER A 41 21.97 -6.51 -5.96
CA SER A 41 21.67 -6.16 -7.33
C SER A 41 20.37 -6.80 -7.75
N ARG A 42 19.53 -6.03 -8.43
CA ARG A 42 18.26 -6.51 -8.97
C ARG A 42 18.18 -6.10 -10.43
N GLN A 43 17.24 -6.70 -11.15
CA GLN A 43 16.91 -6.27 -12.50
C GLN A 43 15.63 -5.46 -12.48
N PHE A 44 15.70 -4.21 -12.89
CA PHE A 44 14.52 -3.38 -12.93
C PHE A 44 13.91 -3.39 -14.34
N LEU A 45 12.77 -2.74 -14.47
CA LEU A 45 12.03 -2.73 -15.74
C LEU A 45 11.13 -1.52 -15.77
N ILE A 46 11.52 -0.50 -16.53
CA ILE A 46 10.70 0.69 -16.72
C ILE A 46 9.67 0.38 -17.79
N PRO A 47 8.40 0.10 -17.43
CA PRO A 47 7.49 -0.57 -18.38
C PRO A 47 7.05 0.18 -19.62
N TYR A 48 6.20 1.20 -19.46
CA TYR A 48 5.62 1.94 -20.57
C TYR A 48 4.63 2.94 -20.02
N ASP A 49 4.35 3.99 -20.76
CA ASP A 49 3.17 4.78 -20.49
C ASP A 49 2.54 5.13 -21.84
N PRO A 50 1.36 4.59 -22.14
CA PRO A 50 0.70 4.95 -23.40
C PRO A 50 0.27 6.39 -23.46
N GLU A 51 0.12 7.06 -22.32
CA GLU A 51 -0.13 8.49 -22.25
C GLU A 51 0.87 9.09 -21.28
N HIS A 52 1.64 10.07 -21.76
CA HIS A 52 2.58 10.81 -20.90
C HIS A 52 1.92 12.07 -20.34
N HIS A 53 0.75 11.90 -19.75
CA HIS A 53 0.00 13.03 -19.21
C HIS A 53 0.41 13.26 -17.76
N TYR A 54 -0.34 14.08 -17.05
CA TYR A 54 -0.10 14.26 -15.63
C TYR A 54 -1.27 13.91 -14.73
N LYS A 55 -2.51 13.94 -15.22
CA LYS A 55 -3.63 13.14 -14.73
C LYS A 55 -3.92 13.40 -13.24
N VAL A 56 -4.49 14.59 -12.96
CA VAL A 56 -4.49 15.20 -11.63
C VAL A 56 -5.07 14.30 -10.56
N PHE A 57 -6.42 14.19 -10.52
CA PHE A 57 -7.23 13.21 -9.80
C PHE A 57 -8.70 13.56 -10.01
N SER A 58 -9.61 12.73 -9.50
CA SER A 58 -11.02 13.11 -9.33
C SER A 58 -11.62 12.34 -8.17
N PRO A 59 -11.15 12.60 -6.92
CA PRO A 59 -11.59 11.77 -5.78
C PRO A 59 -13.04 12.00 -5.38
N ALA A 60 -13.40 13.26 -5.11
CA ALA A 60 -14.75 13.72 -4.81
C ALA A 60 -15.38 12.96 -3.64
N ALA A 61 -14.77 13.15 -2.47
CA ALA A 61 -15.24 12.49 -1.25
C ALA A 61 -16.57 13.06 -0.79
N SER A 62 -17.27 12.28 0.04
CA SER A 62 -18.58 12.69 0.55
C SER A 62 -18.78 12.03 1.90
N SER A 63 -18.83 12.82 2.97
CA SER A 63 -19.04 12.30 4.31
C SER A 63 -20.00 13.18 5.10
N SER A 78 -12.55 16.38 4.36
CA SER A 78 -11.27 16.75 3.76
C SER A 78 -10.82 15.69 2.76
N PRO A 79 -11.08 15.93 1.47
CA PRO A 79 -10.63 14.99 0.44
C PRO A 79 -9.15 15.12 0.13
N ILE A 80 -8.68 14.39 -0.87
CA ILE A 80 -7.29 14.45 -1.29
C ILE A 80 -7.21 15.12 -2.65
N MET A 81 -6.00 15.48 -3.04
CA MET A 81 -5.72 16.03 -4.36
C MET A 81 -4.30 15.70 -4.74
N GLY A 82 -4.12 15.02 -5.86
CA GLY A 82 -2.81 14.56 -6.24
C GLY A 82 -2.40 14.90 -7.65
N TYR A 83 -1.27 14.34 -8.10
CA TYR A 83 -0.83 14.40 -9.48
C TYR A 83 -0.14 13.08 -9.79
N SER A 84 -0.38 12.55 -10.97
CA SER A 84 0.17 11.26 -11.38
C SER A 84 1.26 11.50 -12.42
N THR A 85 2.49 11.63 -11.96
CA THR A 85 3.63 11.85 -12.83
C THR A 85 3.92 10.61 -13.67
N PRO A 86 4.35 10.78 -14.92
CA PRO A 86 4.72 9.62 -15.74
C PRO A 86 6.14 9.14 -15.53
N TRP A 87 6.58 9.03 -14.28
CA TRP A 87 7.95 8.69 -13.95
C TRP A 87 7.98 7.46 -13.06
N ARG A 88 9.18 6.90 -12.89
CA ARG A 88 9.39 5.72 -12.06
C ARG A 88 10.52 6.00 -11.09
N TYR A 89 10.21 5.99 -9.80
CA TYR A 89 11.27 6.04 -8.80
C TYR A 89 11.58 4.62 -8.34
N LEU A 90 12.58 4.46 -7.48
CA LEU A 90 12.88 3.13 -6.95
C LEU A 90 13.11 3.22 -5.44
N ASP A 91 12.69 2.17 -4.74
CA ASP A 91 12.51 2.17 -3.29
C ASP A 91 13.21 0.96 -2.66
N PHE A 92 14.50 1.11 -2.35
CA PHE A 92 15.30 0.04 -1.75
C PHE A 92 15.37 0.17 -0.24
N ASN A 93 14.25 0.53 0.39
CA ASN A 93 14.27 1.05 1.75
C ASN A 93 14.56 -0.03 2.79
N ALA A 94 14.02 -1.23 2.62
CA ALA A 94 13.99 -2.21 3.69
C ALA A 94 15.37 -2.80 3.96
N LEU A 95 15.47 -3.52 5.08
CA LEU A 95 16.74 -4.10 5.53
C LEU A 95 16.99 -5.49 4.97
N ASN A 96 15.95 -6.21 4.55
CA ASN A 96 16.11 -7.58 4.08
C ASN A 96 16.68 -7.67 2.68
N LEU A 97 17.03 -6.54 2.06
CA LEU A 97 17.70 -6.55 0.77
C LEU A 97 19.21 -6.49 0.87
N PHE A 98 19.76 -5.75 1.83
CA PHE A 98 21.20 -5.66 1.98
C PHE A 98 21.77 -6.90 2.67
N PHE A 99 21.00 -7.53 3.54
CA PHE A 99 21.46 -8.66 4.31
C PHE A 99 20.74 -9.93 3.90
N SER A 100 21.52 -10.97 3.61
CA SER A 100 21.01 -12.32 3.53
C SER A 100 20.66 -12.78 4.94
N PRO A 101 19.81 -13.81 5.09
CA PRO A 101 19.50 -14.30 6.45
C PRO A 101 20.70 -14.85 7.19
N LEU A 102 21.65 -15.46 6.47
CA LEU A 102 22.92 -15.84 7.09
C LEU A 102 23.72 -14.61 7.51
N GLU A 103 23.72 -13.58 6.68
CA GLU A 103 24.41 -12.35 7.01
C GLU A 103 23.71 -11.56 8.11
N PHE A 104 22.38 -11.62 8.19
CA PHE A 104 21.71 -10.99 9.32
C PHE A 104 21.96 -11.75 10.61
N GLN A 105 22.04 -13.08 10.53
CA GLN A 105 22.38 -13.87 11.71
C GLN A 105 23.82 -13.61 12.16
N HIS A 106 24.73 -13.40 11.21
CA HIS A 106 26.10 -13.03 11.55
C HIS A 106 26.16 -11.62 12.10
N LEU A 107 25.23 -10.75 11.69
CA LEU A 107 25.17 -9.40 12.24
C LEU A 107 24.70 -9.40 13.69
N ILE A 108 23.69 -10.20 14.01
CA ILE A 108 23.11 -10.16 15.35
C ILE A 108 24.02 -10.81 16.38
N GLU A 109 24.61 -11.95 16.07
CA GLU A 109 25.37 -12.71 17.06
C GLU A 109 26.79 -12.21 17.25
N ASN A 110 27.22 -11.17 16.53
CA ASN A 110 28.58 -10.70 16.62
C ASN A 110 28.74 -9.24 17.01
N TYR A 111 27.74 -8.40 16.77
CA TYR A 111 27.88 -6.96 16.98
C TYR A 111 26.81 -6.47 17.94
N GLY A 112 26.89 -5.19 18.28
CA GLY A 112 25.99 -4.64 19.27
C GLY A 112 25.42 -3.28 18.92
N SER A 113 25.59 -2.86 17.67
CA SER A 113 25.07 -1.58 17.17
C SER A 113 25.12 -1.61 15.66
N ILE A 114 24.38 -0.70 15.04
CA ILE A 114 24.35 -0.56 13.59
C ILE A 114 23.89 0.85 13.26
N ALA A 115 24.54 1.47 12.28
CA ALA A 115 24.19 2.81 11.81
C ALA A 115 24.77 3.02 10.42
N PRO A 116 23.96 3.41 9.43
CA PRO A 116 24.50 3.58 8.08
C PRO A 116 25.30 4.85 7.93
N ASP A 117 26.28 4.81 7.02
CA ASP A 117 27.09 6.00 6.76
C ASP A 117 27.36 6.31 5.29
N ALA A 118 27.01 5.44 4.35
CA ALA A 118 27.25 5.72 2.94
C ALA A 118 26.29 4.91 2.10
N LEU A 119 26.02 5.39 0.89
CA LEU A 119 25.09 4.75 -0.01
C LEU A 119 25.37 5.18 -1.44
N THR A 120 25.62 4.22 -2.31
CA THR A 120 25.76 4.47 -3.74
C THR A 120 24.78 3.59 -4.49
N VAL A 121 24.15 4.16 -5.51
CA VAL A 121 23.18 3.44 -6.34
C VAL A 121 23.65 3.56 -7.78
N THR A 122 24.10 2.44 -8.35
CA THR A 122 24.59 2.41 -9.71
C THR A 122 23.55 1.73 -10.59
N ILE A 123 23.13 2.42 -11.65
CA ILE A 123 22.24 1.84 -12.65
C ILE A 123 23.12 1.27 -13.74
N SER A 124 23.24 -0.06 -13.77
CA SER A 124 24.10 -0.76 -14.73
C SER A 124 23.44 -0.87 -16.08
N GLU A 125 23.93 -1.81 -16.90
CA GLU A 125 23.67 -2.00 -18.32
C GLU A 125 22.20 -1.88 -18.71
N ILE A 126 21.92 -0.94 -19.60
CA ILE A 126 20.57 -0.56 -19.97
C ILE A 126 20.31 -1.01 -21.40
N ALA A 127 19.15 -1.62 -21.63
CA ALA A 127 18.83 -2.29 -22.87
C ALA A 127 17.43 -1.86 -23.32
N VAL A 128 17.22 -0.55 -23.44
CA VAL A 128 15.95 -0.01 -23.90
C VAL A 128 15.63 -0.52 -25.28
N LYS A 129 14.47 -1.16 -25.41
CA LYS A 129 14.09 -1.87 -26.62
C LYS A 129 12.66 -1.55 -26.98
N ASP A 130 12.25 -2.00 -28.17
CA ASP A 130 10.96 -1.61 -28.74
C ASP A 130 10.24 -2.81 -29.31
N VAL A 131 8.92 -2.82 -29.15
CA VAL A 131 8.06 -3.90 -29.61
C VAL A 131 7.46 -3.50 -30.94
N THR A 132 7.40 -4.44 -31.89
CA THR A 132 7.02 -4.15 -33.26
C THR A 132 5.64 -4.65 -33.67
N ASP A 133 4.93 -5.36 -32.78
CA ASP A 133 3.50 -5.71 -32.94
C ASP A 133 3.25 -6.56 -34.20
N LYS A 134 3.69 -7.82 -34.10
CA LYS A 134 3.70 -8.81 -35.18
C LYS A 134 2.40 -9.04 -35.96
N THR A 135 1.27 -8.55 -35.46
CA THR A 135 -0.11 -8.63 -36.01
C THR A 135 -0.45 -10.02 -36.56
N GLY A 136 -0.52 -10.97 -35.63
CA GLY A 136 -0.69 -12.37 -35.95
C GLY A 136 0.12 -13.19 -34.97
N GLY A 137 1.19 -12.59 -34.45
CA GLY A 137 1.87 -13.09 -33.29
C GLY A 137 1.56 -12.21 -32.09
N GLY A 138 1.54 -10.90 -32.34
CA GLY A 138 1.15 -9.94 -31.33
C GLY A 138 2.29 -9.10 -30.80
N VAL A 139 3.45 -9.70 -30.59
CA VAL A 139 4.56 -9.02 -29.94
C VAL A 139 5.86 -9.58 -30.49
N GLN A 140 6.71 -8.69 -31.01
CA GLN A 140 8.07 -9.07 -31.40
C GLN A 140 9.00 -7.97 -30.93
N VAL A 141 9.95 -8.33 -30.06
CA VAL A 141 10.82 -7.37 -29.40
C VAL A 141 12.18 -7.41 -30.08
N THR A 142 12.47 -6.36 -30.84
CA THR A 142 13.82 -6.13 -31.34
C THR A 142 14.55 -5.27 -30.31
N ASP A 143 15.70 -4.69 -30.69
CA ASP A 143 16.45 -3.86 -29.77
C ASP A 143 16.67 -2.48 -30.38
N SER A 144 16.56 -1.44 -29.56
CA SER A 144 16.63 -0.06 -30.00
C SER A 144 17.91 0.58 -29.49
N THR A 145 18.68 1.18 -30.39
CA THR A 145 19.88 1.91 -30.00
C THR A 145 19.66 3.42 -29.94
N THR A 146 18.50 3.89 -30.40
CA THR A 146 18.22 5.31 -30.39
C THR A 146 17.31 5.72 -29.24
N GLY A 147 16.59 4.77 -28.65
CA GLY A 147 15.81 5.07 -27.46
C GLY A 147 16.71 5.26 -26.26
N ARG A 148 16.22 6.03 -25.30
CA ARG A 148 17.02 6.41 -24.14
C ARG A 148 16.16 6.28 -22.88
N LEU A 149 16.77 6.59 -21.74
CA LEU A 149 16.13 6.40 -20.43
C LEU A 149 16.46 7.61 -19.57
N CYS A 150 15.52 8.54 -19.48
CA CYS A 150 15.74 9.76 -18.72
C CYS A 150 15.85 9.48 -17.24
N MET A 151 17.02 9.73 -16.66
CA MET A 151 17.29 9.48 -15.25
C MET A 151 17.55 10.81 -14.55
N LEU A 152 16.76 11.10 -13.53
CA LEU A 152 16.91 12.33 -12.76
C LEU A 152 17.12 11.98 -11.29
N VAL A 153 18.16 12.54 -10.70
CA VAL A 153 18.46 12.39 -9.28
C VAL A 153 18.15 13.70 -8.59
N ASP A 154 17.36 13.65 -7.53
CA ASP A 154 16.85 14.86 -6.88
C ASP A 154 17.71 15.20 -5.66
N HIS A 155 18.90 15.71 -5.95
CA HIS A 155 19.85 16.06 -4.89
C HIS A 155 19.44 17.31 -4.13
N GLU A 156 18.58 18.15 -4.70
CA GLU A 156 18.19 19.41 -4.07
C GLU A 156 16.91 19.31 -3.27
N TYR A 157 16.23 18.16 -3.31
CA TYR A 157 14.94 17.91 -2.65
C TYR A 157 13.88 18.90 -3.12
N LYS A 158 13.81 19.09 -4.43
CA LYS A 158 12.84 20.03 -5.00
C LYS A 158 11.46 19.41 -5.09
N TYR A 159 11.40 18.10 -5.29
CA TYR A 159 10.16 17.41 -5.53
C TYR A 159 9.75 16.65 -4.28
N PRO A 160 8.46 16.40 -4.07
CA PRO A 160 8.01 15.75 -2.83
C PRO A 160 8.52 14.32 -2.70
N TYR A 161 8.72 13.93 -1.44
CA TYR A 161 9.42 12.70 -1.08
C TYR A 161 8.39 11.69 -0.60
N VAL A 162 8.19 10.62 -1.36
CA VAL A 162 7.17 9.62 -1.07
C VAL A 162 7.80 8.25 -0.80
N LEU A 163 9.07 8.22 -0.41
CA LEU A 163 9.81 6.96 -0.45
C LEU A 163 9.62 6.12 0.81
N GLY A 164 9.53 6.75 1.97
CA GLY A 164 9.64 6.01 3.22
C GLY A 164 8.36 5.80 4.01
N GLN A 165 7.26 5.45 3.35
CA GLN A 165 5.98 5.33 4.04
C GLN A 165 5.47 3.91 4.15
N GLY A 166 6.19 2.92 3.63
CA GLY A 166 5.80 1.54 3.82
C GLY A 166 4.67 1.06 2.93
N GLN A 167 4.91 1.02 1.62
CA GLN A 167 3.90 0.62 0.65
C GLN A 167 4.38 -0.60 -0.14
N ASP A 168 3.45 -1.31 -0.78
CA ASP A 168 3.76 -2.64 -1.33
C ASP A 168 4.47 -2.58 -2.67
N THR A 169 5.53 -1.77 -2.78
CA THR A 169 6.40 -1.81 -3.95
C THR A 169 7.80 -1.41 -3.49
N LEU A 170 8.59 -2.40 -3.09
CA LEU A 170 9.92 -2.12 -2.56
C LEU A 170 11.00 -2.73 -3.43
N ALA A 171 11.08 -4.05 -3.50
CA ALA A 171 12.07 -4.84 -4.22
C ALA A 171 11.70 -6.30 -4.02
N PRO A 172 12.13 -7.21 -4.88
CA PRO A 172 12.02 -8.63 -4.55
C PRO A 172 12.97 -9.00 -3.43
N GLU A 173 12.52 -9.92 -2.59
CA GLU A 173 13.33 -10.35 -1.46
C GLU A 173 14.48 -11.24 -1.90
N LEU A 174 14.28 -12.03 -2.94
CA LEU A 174 15.26 -12.93 -3.52
C LEU A 174 15.86 -12.32 -4.78
N PRO A 175 17.16 -12.53 -5.03
CA PRO A 175 17.82 -11.85 -6.15
C PRO A 175 17.47 -12.41 -7.53
N ILE A 176 16.60 -13.41 -7.64
CA ILE A 176 16.26 -13.96 -8.95
C ILE A 176 15.05 -13.33 -9.59
N TRP A 177 14.24 -12.58 -8.84
CA TRP A 177 13.04 -11.99 -9.39
C TRP A 177 13.32 -10.60 -9.93
N VAL A 178 12.42 -10.13 -10.78
CA VAL A 178 12.59 -8.88 -11.51
C VAL A 178 11.86 -7.78 -10.77
N TYR A 179 12.54 -6.65 -10.56
CA TYR A 179 11.96 -5.49 -9.92
C TYR A 179 11.13 -4.71 -10.93
N PHE A 180 9.91 -4.33 -10.53
CA PHE A 180 9.10 -3.39 -11.28
C PHE A 180 8.98 -2.12 -10.45
N PRO A 181 9.66 -1.04 -10.82
CA PRO A 181 9.69 0.14 -9.96
C PRO A 181 8.38 0.89 -10.03
N PRO A 182 7.97 1.54 -8.95
CA PRO A 182 6.63 2.13 -8.90
C PRO A 182 6.54 3.46 -9.63
N GLN A 183 5.30 3.83 -9.96
CA GLN A 183 5.05 5.10 -10.62
C GLN A 183 5.07 6.24 -9.60
N TYR A 184 5.58 7.39 -10.00
CA TYR A 184 5.70 8.52 -9.10
C TYR A 184 4.41 9.32 -9.07
N ALA A 185 3.97 9.64 -7.86
CA ALA A 185 2.78 10.46 -7.64
C ALA A 185 2.90 11.05 -6.24
N TYR A 186 2.12 12.09 -5.99
CA TYR A 186 2.27 12.84 -4.75
C TYR A 186 0.95 13.50 -4.42
N LEU A 187 0.75 13.80 -3.14
CA LEU A 187 -0.40 14.56 -2.68
C LEU A 187 0.01 15.99 -2.35
N THR A 188 -0.88 16.93 -2.63
CA THR A 188 -0.67 18.33 -2.31
C THR A 188 -1.80 18.85 -1.44
N VAL A 189 -1.74 20.15 -1.12
CA VAL A 189 -2.77 20.82 -0.36
C VAL A 189 -3.50 21.78 -1.30
N GLY A 190 -4.82 21.75 -1.26
CA GLY A 190 -5.58 22.61 -2.13
C GLY A 190 -6.57 23.49 -1.39
N ASP A 191 -7.84 23.40 -1.79
CA ASP A 191 -8.89 24.21 -1.19
C ASP A 191 -10.18 23.42 -1.23
N VAL A 192 -10.69 23.02 -0.08
CA VAL A 192 -11.86 22.15 -0.02
C VAL A 192 -13.11 22.96 -0.33
N ASN A 193 -13.86 22.51 -1.32
CA ASN A 193 -15.14 23.10 -1.68
C ASN A 193 -16.26 22.14 -1.27
N THR A 194 -17.50 22.55 -1.54
CA THR A 194 -18.68 21.71 -1.31
C THR A 194 -19.63 21.96 -2.47
N GLN A 195 -19.48 21.15 -3.52
CA GLN A 195 -20.33 21.26 -4.70
C GLN A 195 -20.85 19.89 -5.07
N GLY A 196 -22.16 19.78 -5.24
CA GLY A 196 -22.80 18.53 -5.55
C GLY A 196 -24.29 18.61 -5.28
N ILE A 197 -24.84 17.60 -4.60
CA ILE A 197 -26.24 17.65 -4.21
C ILE A 197 -26.34 17.56 -2.69
N SER A 198 -25.91 16.43 -2.13
CA SER A 198 -26.05 16.24 -0.69
C SER A 198 -24.90 16.85 0.10
N GLY A 199 -23.69 16.30 -0.06
CA GLY A 199 -22.56 16.74 0.72
C GLY A 199 -21.21 16.65 0.04
N ASP A 200 -21.21 16.59 -1.29
CA ASP A 200 -20.00 16.22 -2.04
C ASP A 200 -18.92 17.28 -1.93
N SER A 201 -17.81 16.93 -1.31
CA SER A 201 -16.63 17.78 -1.23
C SER A 201 -15.61 17.37 -2.28
N LYS A 202 -14.75 18.31 -2.64
CA LYS A 202 -13.72 18.06 -3.64
C LYS A 202 -12.62 19.07 -3.44
N LYS A 203 -11.39 18.58 -3.26
CA LYS A 203 -10.24 19.45 -3.04
C LYS A 203 -9.76 19.96 -4.38
N LEU A 204 -10.05 21.21 -4.70
CA LEU A 204 -9.59 21.83 -5.92
C LEU A 204 -8.26 22.53 -5.67
N ALA A 205 -7.65 23.03 -6.75
CA ALA A 205 -6.34 23.65 -6.66
C ALA A 205 -6.44 25.05 -6.07
N SER A 206 -5.51 25.36 -5.18
CA SER A 206 -5.38 26.66 -4.55
C SER A 206 -4.09 27.32 -5.01
N GLU A 207 -3.78 28.48 -4.42
CA GLU A 207 -2.51 29.13 -4.72
C GLU A 207 -1.35 28.40 -4.06
N GLU A 208 -1.60 27.67 -2.97
CA GLU A 208 -0.56 26.89 -2.32
C GLU A 208 -0.33 25.55 -3.00
N SER A 209 -1.26 25.10 -3.84
CA SER A 209 -1.09 23.85 -4.56
C SER A 209 0.00 23.98 -5.60
N ALA A 210 0.68 22.88 -5.89
CA ALA A 210 1.85 22.90 -6.74
C ALA A 210 1.79 21.80 -7.79
N PHE A 211 2.38 22.08 -8.95
CA PHE A 211 2.35 21.19 -10.11
C PHE A 211 3.80 20.98 -10.54
N TYR A 212 4.47 20.02 -9.90
CA TYR A 212 5.89 19.79 -10.17
C TYR A 212 6.00 18.99 -11.46
N VAL A 213 6.32 19.67 -12.55
CA VAL A 213 6.69 18.98 -13.78
C VAL A 213 8.18 18.61 -13.66
N LEU A 214 8.48 17.32 -13.74
CA LEU A 214 9.84 16.84 -13.55
C LEU A 214 10.74 17.09 -14.75
N GLU A 215 10.18 17.57 -15.87
CA GLU A 215 10.95 17.83 -17.08
C GLU A 215 11.51 19.25 -17.12
N HIS A 216 11.70 19.87 -15.96
CA HIS A 216 12.35 21.17 -15.84
C HIS A 216 13.70 21.00 -15.15
N SER A 217 14.42 19.95 -15.50
CA SER A 217 15.56 19.48 -14.71
C SER A 217 16.66 19.06 -15.67
N SER A 218 17.63 18.27 -15.16
CA SER A 218 18.90 18.09 -15.85
C SER A 218 19.10 16.77 -16.58
N PHE A 219 18.46 15.67 -16.15
CA PHE A 219 18.23 14.51 -17.01
C PHE A 219 19.45 13.81 -17.61
N GLN A 220 20.18 12.99 -16.85
CA GLN A 220 21.08 12.07 -17.52
C GLN A 220 20.29 11.19 -18.49
N LEU A 221 20.52 11.37 -19.81
CA LEU A 221 19.61 10.79 -20.79
C LEU A 221 19.84 9.30 -21.00
N LEU A 222 21.08 8.83 -20.82
CA LEU A 222 21.40 7.47 -20.39
C LEU A 222 20.90 6.39 -21.37
N GLY A 223 21.52 6.37 -22.55
CA GLY A 223 21.13 5.42 -23.58
C GLY A 223 21.45 3.96 -23.34
N THR A 224 21.58 3.21 -24.43
CA THR A 224 21.81 1.76 -24.34
C THR A 224 23.25 1.48 -23.94
N GLY A 225 23.42 0.78 -22.82
CA GLY A 225 24.73 0.50 -22.28
C GLY A 225 25.24 1.52 -21.28
N GLY A 226 24.49 2.60 -21.05
CA GLY A 226 24.96 3.66 -20.19
C GLY A 226 24.89 3.29 -18.71
N THR A 227 25.66 4.03 -17.92
CA THR A 227 25.76 3.83 -16.49
C THR A 227 25.58 5.18 -15.79
N ALA A 228 25.09 5.13 -14.56
CA ALA A 228 24.89 6.34 -13.78
C ALA A 228 24.92 5.99 -12.30
N THR A 229 25.41 6.91 -11.49
CA THR A 229 25.58 6.71 -10.05
C THR A 229 24.89 7.83 -9.27
N MET A 230 24.74 7.60 -7.96
CA MET A 230 24.14 8.60 -7.07
C MET A 230 25.10 9.08 -5.99
N SER A 231 25.68 8.16 -5.21
CA SER A 231 26.70 8.42 -4.19
C SER A 231 26.22 9.40 -3.10
N TYR A 232 25.27 8.91 -2.30
CA TYR A 232 24.80 9.61 -1.11
C TYR A 232 25.73 9.32 0.09
N LYS A 233 25.71 10.23 1.07
CA LYS A 233 26.46 10.06 2.31
C LYS A 233 25.54 10.36 3.48
N PHE A 234 25.36 9.37 4.36
CA PHE A 234 24.40 9.48 5.44
C PHE A 234 24.88 10.46 6.51
N PRO A 235 23.95 11.15 7.18
CA PRO A 235 24.33 12.01 8.30
C PRO A 235 24.71 11.20 9.52
N PRO A 236 25.33 11.80 10.53
CA PRO A 236 25.57 11.06 11.79
C PRO A 236 24.28 10.74 12.51
N VAL A 237 23.93 9.46 12.56
CA VAL A 237 22.68 9.00 13.17
C VAL A 237 23.02 8.17 14.39
N PRO A 238 22.18 8.16 15.42
CA PRO A 238 22.43 7.31 16.59
C PRO A 238 22.20 5.84 16.26
N PRO A 239 22.95 4.93 16.88
CA PRO A 239 22.88 3.52 16.52
C PRO A 239 21.59 2.87 17.04
N GLU A 240 21.42 1.60 16.66
CA GLU A 240 20.18 0.87 16.95
C GLU A 240 20.32 -0.16 18.06
N ASN A 241 21.53 -0.36 18.60
CA ASN A 241 21.87 -1.21 19.75
C ASN A 241 21.23 -2.61 19.74
N LEU A 242 21.69 -3.48 18.85
CA LEU A 242 21.10 -4.82 18.71
C LEU A 242 21.44 -5.75 19.86
N GLU A 243 21.08 -5.39 21.09
CA GLU A 243 21.33 -6.21 22.26
C GLU A 243 20.29 -5.86 23.32
N GLY A 244 19.75 -6.90 23.95
CA GLY A 244 18.69 -6.71 24.93
C GLY A 244 19.21 -6.29 26.30
N CYS A 245 18.60 -6.80 27.37
CA CYS A 245 19.05 -6.53 28.72
C CYS A 245 18.84 -7.77 29.57
N SER A 246 19.75 -8.00 30.52
CA SER A 246 19.64 -9.11 31.45
C SER A 246 19.26 -8.62 32.83
N GLN A 247 18.48 -7.55 32.89
CA GLN A 247 18.17 -6.86 34.13
C GLN A 247 17.00 -5.94 33.91
N HIS A 248 16.07 -5.91 34.85
CA HIS A 248 15.01 -4.91 34.79
C HIS A 248 15.55 -3.58 35.25
N PHE A 249 15.04 -2.51 34.64
CA PHE A 249 15.52 -1.17 34.98
C PHE A 249 15.02 -0.71 36.34
N TYR A 250 13.85 -1.19 36.76
CA TYR A 250 13.33 -0.87 38.08
C TYR A 250 13.89 -1.79 39.17
N GLU A 251 14.60 -2.84 38.79
CA GLU A 251 15.31 -3.70 39.73
C GLU A 251 16.79 -3.61 39.41
N MET A 252 17.43 -2.55 39.92
CA MET A 252 18.86 -2.34 39.74
C MET A 252 19.58 -2.23 41.08
N TYR A 253 18.90 -2.55 42.16
CA TYR A 253 19.41 -2.38 43.50
C TYR A 253 20.03 -3.68 43.99
N ASN A 254 20.71 -3.58 45.12
CA ASN A 254 21.12 -4.75 45.86
C ASN A 254 19.87 -5.39 46.44
N PRO A 255 19.61 -6.68 46.20
CA PRO A 255 18.40 -7.32 46.73
C PRO A 255 18.37 -7.46 48.23
N LEU A 256 19.47 -7.20 48.91
CA LEU A 256 19.58 -7.16 50.35
C LEU A 256 19.43 -5.71 50.80
N TYR A 257 19.71 -5.44 52.07
CA TYR A 257 20.09 -4.13 52.60
C TYR A 257 18.99 -3.08 52.67
N GLY A 258 17.82 -3.33 52.12
CA GLY A 258 16.71 -2.41 52.33
C GLY A 258 16.84 -1.13 51.55
N SER A 259 16.54 -0.01 52.19
CA SER A 259 16.61 1.30 51.54
C SER A 259 16.76 2.37 52.62
N ARG A 260 17.66 3.33 52.34
CA ARG A 260 18.00 4.37 53.31
C ARG A 260 16.84 5.32 53.57
N LEU A 261 15.93 5.45 52.62
CA LEU A 261 14.83 6.39 52.67
C LEU A 261 13.60 5.75 53.29
N GLY A 262 12.52 6.53 53.37
CA GLY A 262 11.29 6.04 53.97
C GLY A 262 10.09 6.08 53.05
N VAL A 263 8.96 5.54 53.53
CA VAL A 263 7.73 5.44 52.75
C VAL A 263 6.58 5.75 53.71
N PRO A 264 5.56 6.49 53.28
CA PRO A 264 4.48 6.87 54.22
C PRO A 264 3.66 5.67 54.69
N ASP A 265 3.11 5.81 55.89
CA ASP A 265 2.16 4.83 56.43
C ASP A 265 0.77 5.42 56.62
N THR A 266 0.66 6.50 57.37
CA THR A 266 -0.62 7.16 57.60
C THR A 266 -0.74 8.40 56.71
N LEU A 267 -1.97 8.72 56.33
CA LEU A 267 -2.22 9.88 55.49
C LEU A 267 -3.28 10.75 56.16
N GLY A 268 -3.27 12.03 55.81
CA GLY A 268 -4.26 12.95 56.32
C GLY A 268 -3.69 14.07 57.16
N GLY A 269 -2.44 14.44 56.89
CA GLY A 269 -1.78 15.51 57.60
C GLY A 269 -0.78 15.05 58.64
N ASP A 270 -0.92 13.82 59.15
CA ASP A 270 0.02 13.22 60.09
C ASP A 270 0.66 12.03 59.39
N PRO A 271 1.83 12.23 58.78
CA PRO A 271 2.41 11.20 57.90
C PRO A 271 2.87 9.92 58.59
N LYS A 272 3.75 10.05 59.58
CA LYS A 272 4.38 8.94 60.32
C LYS A 272 5.05 7.94 59.35
N PHE A 273 6.11 8.44 58.72
CA PHE A 273 6.92 7.64 57.81
C PHE A 273 7.59 6.49 58.54
N ARG A 274 7.79 5.39 57.83
CA ARG A 274 8.53 4.24 58.34
C ARG A 274 9.68 3.92 57.40
N SER A 275 10.65 3.16 57.91
CA SER A 275 11.80 2.77 57.11
C SER A 275 11.45 1.54 56.28
N LEU A 276 12.42 1.02 55.53
CA LEU A 276 12.19 -0.12 54.65
C LEU A 276 13.15 -1.25 54.99
N THR A 277 12.71 -2.46 54.69
CA THR A 277 13.53 -3.66 54.78
C THR A 277 13.85 -4.14 53.36
N HIS A 278 14.53 -5.28 53.27
CA HIS A 278 14.91 -5.81 51.97
C HIS A 278 13.76 -6.47 51.24
N GLU A 279 12.65 -6.75 51.91
CA GLU A 279 11.49 -7.37 51.29
C GLU A 279 10.56 -6.37 50.63
N ASP A 280 10.75 -5.08 50.89
CA ASP A 280 9.91 -4.03 50.29
C ASP A 280 10.40 -3.80 48.86
N HIS A 281 9.93 -4.65 47.94
CA HIS A 281 10.28 -4.54 46.54
C HIS A 281 9.27 -3.73 45.73
N ALA A 282 8.01 -3.75 46.14
CA ALA A 282 6.98 -3.03 45.41
C ALA A 282 6.90 -1.56 45.81
N ILE A 283 7.69 -1.12 46.78
CA ILE A 283 7.69 0.28 47.20
C ILE A 283 9.11 0.80 47.27
N GLN A 284 10.02 0.18 46.51
CA GLN A 284 11.38 0.68 46.44
C GLN A 284 11.41 1.97 45.62
N PRO A 285 12.06 3.03 46.12
CA PRO A 285 12.07 4.29 45.39
C PRO A 285 13.03 4.25 44.20
N GLN A 286 12.52 4.59 43.03
CA GLN A 286 13.31 4.61 41.81
C GLN A 286 13.72 6.05 41.49
N ASN A 287 14.92 6.20 40.93
CA ASN A 287 15.39 7.51 40.50
C ASN A 287 15.10 7.80 39.04
N PHE A 288 14.54 6.86 38.30
CA PHE A 288 14.17 7.10 36.91
C PHE A 288 12.81 6.49 36.63
N MET A 289 11.98 7.24 35.93
CA MET A 289 10.61 6.83 35.64
C MET A 289 10.58 6.07 34.32
N PRO A 290 9.51 5.37 34.02
CA PRO A 290 9.36 4.79 32.69
C PRO A 290 8.82 5.83 31.69
N GLY A 291 8.84 5.45 30.42
CA GLY A 291 8.47 6.34 29.36
C GLY A 291 6.99 6.29 29.05
N PRO A 292 6.53 7.14 28.13
CA PRO A 292 5.09 7.31 27.93
C PRO A 292 4.45 6.14 27.20
N LEU A 293 3.16 5.95 27.46
CA LEU A 293 2.39 4.83 26.96
C LEU A 293 1.04 5.30 26.44
N VAL A 294 1.07 6.28 25.53
CA VAL A 294 -0.14 6.96 25.06
C VAL A 294 -0.98 5.98 24.22
N ASN A 295 -2.07 5.50 24.83
CA ASN A 295 -3.00 4.51 24.27
C ASN A 295 -2.27 3.23 23.87
N SER A 296 -1.74 2.56 24.87
CA SER A 296 -1.32 1.17 24.75
C SER A 296 -2.42 0.34 25.39
N VAL A 297 -3.12 -0.44 24.56
CA VAL A 297 -4.17 -1.34 25.01
C VAL A 297 -4.06 -2.63 24.20
N SER A 298 -4.97 -3.55 24.48
CA SER A 298 -5.06 -4.80 23.75
C SER A 298 -6.36 -4.83 22.95
N THR A 299 -6.55 -5.91 22.20
CA THR A 299 -7.76 -6.08 21.42
C THR A 299 -8.94 -6.52 22.30
N LEU A 313 -12.29 1.22 12.58
CA LEU A 313 -11.60 0.97 13.85
C LEU A 313 -10.67 2.13 14.19
N THR A 314 -9.72 2.41 13.29
CA THR A 314 -8.88 3.62 13.21
C THR A 314 -7.83 3.70 14.32
N GLY A 315 -7.88 2.80 15.32
CA GLY A 315 -6.90 2.81 16.39
C GLY A 315 -6.99 4.06 17.25
N LEU A 316 -5.83 4.62 17.58
CA LEU A 316 -5.78 5.97 18.16
C LEU A 316 -5.73 6.97 17.02
N SER A 317 -6.40 8.10 17.20
CA SER A 317 -6.69 8.97 16.07
C SER A 317 -6.99 10.38 16.54
N THR A 318 -6.47 11.37 15.81
CA THR A 318 -6.82 12.76 16.01
C THR A 318 -8.00 13.11 15.12
N GLY A 319 -8.27 14.40 14.96
CA GLY A 319 -9.24 14.86 13.98
C GLY A 319 -10.42 15.56 14.63
N THR A 320 -11.42 15.82 13.80
CA THR A 320 -12.66 16.45 14.23
C THR A 320 -13.61 15.39 14.81
N SER A 321 -14.89 15.77 14.98
CA SER A 321 -15.84 15.25 15.97
C SER A 321 -15.88 13.74 16.16
N GLN A 322 -16.30 12.97 15.14
CA GLN A 322 -16.14 11.53 15.21
C GLN A 322 -15.82 10.87 13.88
N ASN A 323 -15.78 11.60 12.77
CA ASN A 323 -15.80 10.96 11.46
C ASN A 323 -14.71 11.41 10.51
N THR A 324 -13.98 12.50 10.80
CA THR A 324 -12.87 12.85 9.93
C THR A 324 -11.69 11.92 10.21
N ARG A 325 -11.11 12.04 11.41
CA ARG A 325 -10.46 10.97 12.18
C ARG A 325 -9.37 10.24 11.39
N ILE A 326 -8.30 10.97 11.07
CA ILE A 326 -7.15 10.29 10.47
C ILE A 326 -6.42 9.50 11.55
N SER A 327 -5.80 8.40 11.14
CA SER A 327 -5.21 7.46 12.09
C SER A 327 -3.73 7.69 12.27
N LEU A 328 -3.28 7.59 13.52
CA LEU A 328 -1.87 7.49 13.86
C LEU A 328 -1.68 6.05 14.32
N ARG A 329 -1.50 5.16 13.36
CA ARG A 329 -1.74 3.75 13.63
C ARG A 329 -0.65 3.07 14.45
N PRO A 330 0.65 3.03 14.06
CA PRO A 330 1.57 2.19 14.84
C PRO A 330 2.15 2.88 16.07
N GLY A 331 1.34 3.66 16.78
CA GLY A 331 1.74 4.38 17.98
C GLY A 331 2.95 5.29 17.80
N PRO A 332 3.54 5.71 18.91
CA PRO A 332 4.90 6.24 18.86
C PRO A 332 5.92 5.12 18.79
N VAL A 333 7.21 5.47 18.79
CA VAL A 333 8.26 4.45 18.78
C VAL A 333 8.55 3.91 20.17
N SER A 334 7.99 4.52 21.21
CA SER A 334 8.24 4.14 22.59
C SER A 334 7.31 3.05 23.08
N GLN A 335 6.52 2.44 22.20
CA GLN A 335 5.49 1.52 22.62
C GLN A 335 5.59 0.20 21.90
N PRO A 336 5.32 -0.91 22.58
CA PRO A 336 5.15 -2.17 21.87
C PRO A 336 3.72 -2.31 21.38
N TYR A 337 3.55 -3.13 20.35
CA TYR A 337 2.21 -3.54 19.96
C TYR A 337 2.05 -5.04 19.88
N HIS A 338 3.07 -5.81 20.26
CA HIS A 338 2.97 -7.27 20.29
C HIS A 338 4.06 -7.82 21.19
N HIS A 339 3.65 -8.59 22.19
CA HIS A 339 4.61 -9.31 23.02
C HIS A 339 3.95 -10.60 23.50
N TRP A 340 4.58 -11.26 24.46
CA TRP A 340 4.15 -12.56 24.94
C TRP A 340 3.94 -12.49 26.45
N ASP A 341 2.67 -12.58 26.87
CA ASP A 341 2.37 -12.64 28.30
C ASP A 341 2.39 -14.11 28.74
N THR A 342 1.85 -14.40 29.92
CA THR A 342 2.05 -15.69 30.57
C THR A 342 1.43 -16.86 29.82
N ASP A 343 0.41 -16.61 28.99
CA ASP A 343 -0.27 -17.68 28.29
C ASP A 343 -0.19 -17.55 26.78
N LYS A 344 -0.48 -16.38 26.23
CA LYS A 344 -0.64 -16.21 24.79
C LYS A 344 0.16 -15.03 24.27
N TYR A 345 -0.12 -14.62 23.04
CA TYR A 345 0.44 -13.40 22.47
C TYR A 345 -0.63 -12.30 22.52
N VAL A 346 -0.27 -11.17 23.14
CA VAL A 346 -1.15 -9.99 23.18
C VAL A 346 -0.75 -9.11 22.01
N THR A 347 -1.74 -8.53 21.32
CA THR A 347 -1.53 -8.04 19.97
C THR A 347 -1.92 -6.58 19.74
N GLY A 348 -2.56 -5.91 20.68
CA GLY A 348 -2.74 -4.47 20.60
C GLY A 348 -3.74 -3.93 19.59
N ILE A 349 -4.25 -2.73 19.84
CA ILE A 349 -5.07 -2.05 18.85
C ILE A 349 -4.18 -1.37 17.81
N ASN A 350 -3.03 -0.85 18.24
CA ASN A 350 -2.19 0.00 17.42
C ASN A 350 -1.14 -0.77 16.63
N ALA A 351 -1.44 -2.01 16.24
CA ALA A 351 -0.47 -2.86 15.59
C ALA A 351 -0.57 -2.77 14.08
N ILE A 352 0.57 -2.96 13.41
CA ILE A 352 0.64 -3.13 11.97
C ILE A 352 1.10 -4.56 11.69
N SER A 353 0.67 -5.11 10.56
CA SER A 353 0.75 -6.55 10.37
C SER A 353 2.02 -7.02 9.67
N HIS A 354 2.68 -6.17 8.88
CA HIS A 354 3.89 -6.48 8.12
C HIS A 354 3.73 -7.67 7.18
N GLY A 355 2.52 -7.95 6.71
CA GLY A 355 2.28 -9.12 5.88
C GLY A 355 1.16 -9.97 6.42
N GLN A 356 0.67 -10.91 5.61
CA GLN A 356 -0.50 -11.76 5.89
C GLN A 356 -1.74 -10.98 6.33
N GLY A 370 -6.25 -12.61 7.34
CA GLY A 370 -4.88 -12.87 7.73
C GLY A 370 -4.71 -13.14 9.21
N VAL A 371 -3.48 -13.38 9.65
CA VAL A 371 -3.20 -13.59 11.07
C VAL A 371 -2.18 -12.54 11.53
N GLY A 372 -1.31 -12.11 10.63
CA GLY A 372 -0.37 -11.07 10.97
C GLY A 372 1.04 -11.59 11.22
N ARG A 373 2.02 -10.74 11.01
CA ARG A 373 3.43 -11.03 11.25
C ARG A 373 3.99 -9.93 12.13
N PHE A 374 3.97 -10.15 13.43
CA PHE A 374 4.32 -9.06 14.32
C PHE A 374 5.65 -9.31 15.00
N PRO A 375 6.45 -8.26 15.26
CA PRO A 375 7.72 -8.46 15.97
C PRO A 375 7.47 -8.63 17.46
N ASN A 376 8.09 -9.65 18.04
CA ASN A 376 7.94 -9.92 19.47
C ASN A 376 8.83 -8.97 20.25
N GLU A 377 8.24 -7.92 20.79
CA GLU A 377 8.98 -6.93 21.59
C GLU A 377 9.05 -7.43 23.02
N LYS A 378 9.96 -8.37 23.26
CA LYS A 378 10.19 -8.87 24.61
C LYS A 378 11.07 -7.94 25.43
N GLU A 379 11.75 -6.99 24.80
CA GLU A 379 12.61 -6.05 25.49
C GLU A 379 11.89 -4.80 25.92
N GLN A 380 10.60 -4.65 25.60
CA GLN A 380 9.78 -3.60 26.16
C GLN A 380 8.88 -4.08 27.27
N LEU A 381 8.43 -5.34 27.20
CA LEU A 381 7.71 -5.94 28.32
C LEU A 381 8.58 -6.06 29.55
N LYS A 382 9.90 -6.18 29.35
CA LYS A 382 10.83 -6.26 30.47
C LYS A 382 10.89 -4.96 31.24
N GLN A 383 11.20 -3.86 30.55
CA GLN A 383 11.48 -2.58 31.21
C GLN A 383 10.21 -1.72 31.30
N LEU A 384 9.22 -2.26 32.02
CA LEU A 384 8.06 -1.52 32.55
C LEU A 384 7.19 -0.90 31.45
N GLN A 385 7.18 -1.51 30.29
CA GLN A 385 6.21 -1.15 29.27
C GLN A 385 5.40 -2.40 28.95
N GLY A 386 4.59 -2.32 27.93
CA GLY A 386 3.68 -3.39 27.60
C GLY A 386 2.30 -2.85 27.28
N LEU A 387 1.39 -3.79 27.03
CA LEU A 387 0.12 -3.38 26.46
C LEU A 387 -0.85 -2.91 27.55
N ASN A 388 -1.25 -3.80 28.46
CA ASN A 388 -2.21 -3.42 29.49
C ASN A 388 -1.49 -2.95 30.76
N MET A 389 -0.79 -1.82 30.62
CA MET A 389 0.00 -1.24 31.70
C MET A 389 -0.66 0.07 32.13
N HIS A 390 -1.43 0.01 33.21
CA HIS A 390 -2.08 1.19 33.73
C HIS A 390 -1.18 1.90 34.72
N THR A 391 -1.43 3.20 34.90
CA THR A 391 -0.78 3.98 35.94
C THR A 391 -1.83 4.45 36.93
N TYR A 392 -1.44 4.55 38.19
CA TYR A 392 -2.36 4.80 39.28
C TYR A 392 -1.96 6.04 40.04
N PHE A 393 -2.96 6.82 40.43
CA PHE A 393 -2.73 8.03 41.19
C PHE A 393 -3.61 8.03 42.44
N PRO A 394 -3.07 8.42 43.59
CA PRO A 394 -3.85 8.39 44.84
C PRO A 394 -4.75 9.59 45.05
N ASN A 395 -5.10 10.31 43.98
CA ASN A 395 -5.94 11.50 44.07
C ASN A 395 -7.30 11.19 44.68
N LYS A 396 -7.78 12.11 45.51
CA LYS A 396 -9.04 11.96 46.20
C LYS A 396 -10.22 12.18 45.25
N TYR A 401 -8.19 4.57 43.71
CA TYR A 401 -7.16 5.06 42.79
C TYR A 401 -7.73 5.32 41.41
N THR A 402 -7.19 6.32 40.73
CA THR A 402 -7.64 6.71 39.40
C THR A 402 -6.84 5.92 38.37
N ASP A 403 -7.47 4.91 37.79
CA ASP A 403 -6.84 4.08 36.77
C ASP A 403 -6.75 4.85 35.47
N GLN A 404 -5.52 5.14 35.04
CA GLN A 404 -5.28 5.78 33.75
C GLN A 404 -4.47 4.84 32.87
N ILE A 405 -4.75 4.88 31.57
CA ILE A 405 -4.06 4.01 30.62
C ILE A 405 -2.92 4.79 29.97
N GLU A 406 -3.07 6.11 29.89
CA GLU A 406 -2.01 6.96 29.38
C GLU A 406 -1.01 7.26 30.48
N ARG A 407 0.27 7.08 30.17
CA ARG A 407 1.36 7.49 31.04
C ARG A 407 2.07 8.70 30.45
N PRO A 408 2.34 9.73 31.25
CA PRO A 408 2.95 10.95 30.71
C PRO A 408 4.46 10.83 30.52
N LEU A 409 5.12 11.93 30.17
CA LEU A 409 6.53 11.84 29.78
C LEU A 409 7.46 11.75 31.00
N MET A 410 7.12 12.42 32.11
CA MET A 410 7.74 12.19 33.41
C MET A 410 9.24 12.46 33.50
N VAL A 411 9.63 13.74 33.56
CA VAL A 411 10.90 14.37 33.18
C VAL A 411 12.17 13.50 33.21
N GLY A 412 12.33 12.65 34.20
CA GLY A 412 13.41 11.66 34.08
C GLY A 412 12.92 10.29 33.64
N SER A 413 13.06 9.94 32.36
CA SER A 413 12.42 8.71 31.87
C SER A 413 13.30 8.00 30.85
N VAL A 414 13.04 6.69 30.69
CA VAL A 414 13.79 5.79 29.81
C VAL A 414 12.83 4.72 29.28
N TRP A 415 12.79 4.52 27.95
CA TRP A 415 11.68 3.77 27.35
C TRP A 415 12.09 2.85 26.19
N ASN A 416 13.17 2.09 26.32
CA ASN A 416 14.23 2.02 25.31
C ASN A 416 13.96 2.26 23.83
N ARG A 417 13.09 1.46 23.19
CA ARG A 417 12.69 1.60 21.80
C ARG A 417 11.79 0.43 21.42
N ARG A 418 11.08 0.55 20.31
CA ARG A 418 10.54 -0.59 19.60
C ARG A 418 11.64 -1.16 18.70
N ALA A 419 11.88 -2.46 18.81
CA ALA A 419 13.06 -3.07 18.22
C ALA A 419 12.95 -3.18 16.70
N LEU A 420 14.10 -3.03 16.04
CA LEU A 420 14.18 -3.25 14.61
C LEU A 420 14.29 -4.73 14.32
N HIS A 421 13.89 -5.10 13.11
CA HIS A 421 13.84 -6.51 12.73
C HIS A 421 14.43 -6.66 11.35
N TYR A 422 14.26 -7.84 10.75
CA TYR A 422 14.91 -8.17 9.49
C TYR A 422 14.25 -7.48 8.32
N GLU A 423 12.97 -7.16 8.41
CA GLU A 423 12.21 -6.60 7.30
C GLU A 423 11.84 -5.13 7.53
N SER A 424 12.49 -4.46 8.47
CA SER A 424 12.12 -3.11 8.82
C SER A 424 12.67 -2.13 7.80
N GLN A 425 12.18 -0.89 7.89
CA GLN A 425 12.70 0.20 7.07
C GLN A 425 14.10 0.60 7.52
N LEU A 426 14.68 1.54 6.79
CA LEU A 426 15.96 2.11 7.16
C LEU A 426 15.88 3.60 7.44
N TRP A 427 15.18 4.35 6.58
CA TRP A 427 14.92 5.76 6.81
C TRP A 427 13.48 6.02 6.45
N SER A 428 12.90 7.11 6.96
CA SER A 428 11.72 7.55 6.25
C SER A 428 11.87 8.94 5.66
N LYS A 429 11.65 9.97 6.48
CA LYS A 429 11.98 11.39 6.30
C LYS A 429 11.40 12.10 7.51
N ILE A 430 12.13 13.03 8.11
CA ILE A 430 11.54 13.97 9.05
C ILE A 430 11.00 15.13 8.23
N PRO A 431 9.72 15.49 8.38
CA PRO A 431 9.15 16.54 7.52
C PRO A 431 9.77 17.90 7.81
N ASN A 432 9.72 18.77 6.80
CA ASN A 432 10.40 20.06 6.84
C ASN A 432 9.80 21.04 7.83
N LEU A 433 8.64 20.73 8.41
CA LEU A 433 8.11 21.57 9.47
C LEU A 433 8.96 21.44 10.72
N ASP A 434 9.04 22.54 11.46
CA ASP A 434 10.08 22.75 12.46
C ASP A 434 9.72 22.13 13.80
N ASP A 435 10.65 22.26 14.75
CA ASP A 435 10.49 21.91 16.17
C ASP A 435 10.08 20.44 16.34
N SER A 436 11.00 19.57 15.99
CA SER A 436 10.81 18.13 16.12
C SER A 436 11.27 17.65 17.49
N PHE A 437 10.59 16.61 17.98
CA PHE A 437 10.94 15.91 19.20
C PHE A 437 10.28 14.55 19.14
N LYS A 438 11.04 13.45 19.22
CA LYS A 438 12.50 13.44 19.20
C LYS A 438 12.94 13.22 17.77
N THR A 439 12.19 12.35 17.07
CA THR A 439 12.23 12.09 15.63
C THR A 439 13.57 11.55 15.14
N GLN A 440 14.49 11.16 16.01
CA GLN A 440 15.70 10.50 15.55
C GLN A 440 15.43 9.09 15.08
N PHE A 441 14.34 8.48 15.54
CA PHE A 441 13.93 7.15 15.13
C PHE A 441 12.46 7.20 14.76
N ALA A 442 12.15 6.76 13.54
CA ALA A 442 10.77 6.79 13.08
C ALA A 442 10.04 5.53 13.51
N ALA A 443 8.72 5.55 13.37
CA ALA A 443 7.96 4.32 13.46
C ALA A 443 8.09 3.55 12.15
N LEU A 444 7.43 2.40 12.08
CA LEU A 444 7.55 1.39 11.01
C LEU A 444 8.98 0.89 10.84
N GLY A 445 9.83 1.03 11.86
CA GLY A 445 11.24 0.75 11.73
C GLY A 445 12.00 1.90 11.07
N GLY A 446 13.31 1.83 11.17
CA GLY A 446 14.17 2.76 10.47
C GLY A 446 14.59 3.94 11.31
N TRP A 447 15.37 4.81 10.68
CA TRP A 447 15.90 6.00 11.34
C TRP A 447 15.05 7.24 11.10
N GLY A 448 14.94 7.68 9.86
CA GLY A 448 14.17 8.89 9.64
C GLY A 448 15.06 10.09 9.85
N LEU A 449 15.29 10.87 8.80
CA LEU A 449 16.31 11.89 8.89
C LEU A 449 15.95 13.05 7.98
N HIS A 450 16.38 14.24 8.39
CA HIS A 450 16.42 15.37 7.47
C HIS A 450 17.44 15.05 6.38
N GLN A 451 17.11 15.45 5.15
CA GLN A 451 17.82 15.13 3.91
C GLN A 451 18.03 13.63 3.78
N PRO A 452 16.99 12.87 3.43
CA PRO A 452 17.14 11.42 3.26
C PRO A 452 17.83 11.09 1.95
N PRO A 453 18.11 9.81 1.67
CA PRO A 453 18.60 9.44 0.33
C PRO A 453 17.66 9.89 -0.77
N PRO A 454 18.19 10.56 -1.79
CA PRO A 454 17.32 11.18 -2.78
C PRO A 454 16.68 10.17 -3.70
N GLN A 455 15.58 10.60 -4.31
CA GLN A 455 14.82 9.76 -5.21
C GLN A 455 15.44 9.77 -6.58
N ILE A 456 15.53 8.60 -7.20
CA ILE A 456 16.05 8.45 -8.55
C ILE A 456 14.85 8.20 -9.46
N PHE A 457 14.46 9.21 -10.21
CA PHE A 457 13.32 9.10 -11.11
C PHE A 457 13.79 8.59 -12.47
N LEU A 458 12.96 7.75 -13.11
CA LEU A 458 13.36 7.09 -14.35
C LEU A 458 12.17 7.05 -15.31
N LYS A 459 12.13 7.98 -16.25
CA LYS A 459 11.24 7.90 -17.40
C LYS A 459 12.03 7.28 -18.54
N ILE A 460 11.34 6.94 -19.64
CA ILE A 460 12.11 6.37 -20.73
C ILE A 460 12.40 7.44 -21.79
N LEU A 461 11.41 7.81 -22.63
CA LEU A 461 11.29 8.96 -23.51
C LEU A 461 9.98 8.80 -24.29
N PRO A 462 9.34 9.86 -24.69
CA PRO A 462 8.28 9.70 -25.71
C PRO A 462 8.78 9.90 -27.14
N GLN A 463 9.47 8.89 -27.69
CA GLN A 463 9.77 8.89 -29.12
C GLN A 463 8.48 8.71 -29.91
N SER A 464 8.19 9.65 -30.80
CA SER A 464 6.81 9.93 -31.16
C SER A 464 6.55 9.87 -32.66
N GLY A 465 6.98 8.83 -33.34
CA GLY A 465 6.76 8.74 -34.76
C GLY A 465 5.80 7.63 -35.16
N PRO A 466 5.50 7.54 -36.47
CA PRO A 466 5.84 8.47 -37.56
C PRO A 466 4.76 9.50 -37.81
N ILE A 467 4.91 10.34 -38.83
CA ILE A 467 3.89 11.31 -39.17
C ILE A 467 3.48 11.17 -40.63
N GLY A 468 4.42 11.33 -41.56
CA GLY A 468 4.10 11.31 -42.97
C GLY A 468 3.84 12.67 -43.58
N GLY A 469 3.91 13.73 -42.79
CA GLY A 469 3.82 15.10 -43.26
C GLY A 469 2.61 15.83 -42.71
N ILE A 470 1.44 15.19 -42.77
CA ILE A 470 0.21 15.71 -42.18
C ILE A 470 -0.37 14.66 -41.25
N LYS A 471 -0.37 13.41 -41.69
CA LYS A 471 -1.07 12.29 -41.07
C LYS A 471 -0.62 12.02 -39.64
N SER A 472 -1.53 11.45 -38.87
CA SER A 472 -1.15 10.89 -37.58
C SER A 472 -0.91 9.39 -37.76
N MET A 473 0.17 9.05 -38.44
CA MET A 473 0.47 7.68 -38.83
C MET A 473 0.99 6.90 -37.65
N GLY A 474 0.60 5.64 -37.56
CA GLY A 474 1.15 4.77 -36.53
C GLY A 474 0.47 5.02 -35.19
N ILE A 475 1.25 4.94 -34.11
CA ILE A 475 0.74 5.02 -32.76
C ILE A 475 1.23 6.30 -32.10
N THR A 476 2.30 6.86 -32.66
CA THR A 476 2.99 8.09 -32.25
C THR A 476 3.55 8.06 -30.84
N THR A 477 3.71 6.89 -30.24
CA THR A 477 4.50 6.74 -29.01
C THR A 477 5.22 5.40 -29.01
N LEU A 478 5.89 5.08 -30.12
CA LEU A 478 5.70 3.84 -30.88
C LEU A 478 5.34 2.61 -30.05
N VAL A 479 6.30 2.05 -29.31
CA VAL A 479 6.19 1.36 -28.01
C VAL A 479 7.64 1.15 -27.61
N GLN A 480 8.00 1.42 -26.35
CA GLN A 480 9.37 1.16 -25.91
C GLN A 480 9.35 0.74 -24.45
N TYR A 481 10.34 -0.06 -24.08
CA TYR A 481 10.53 -0.46 -22.70
C TYR A 481 12.02 -0.66 -22.45
N ALA A 482 12.41 -0.52 -21.19
CA ALA A 482 13.82 -0.57 -20.82
C ALA A 482 14.03 -1.53 -19.67
N VAL A 483 14.98 -2.43 -19.82
CA VAL A 483 15.43 -3.30 -18.74
C VAL A 483 16.80 -2.81 -18.30
N GLY A 484 17.22 -3.26 -17.13
CA GLY A 484 18.49 -2.84 -16.60
C GLY A 484 18.88 -3.60 -15.36
N ILE A 485 19.90 -3.09 -14.67
CA ILE A 485 20.40 -3.67 -13.43
C ILE A 485 20.73 -2.52 -12.49
N MET A 486 20.16 -2.53 -11.29
CA MET A 486 20.50 -1.55 -10.26
C MET A 486 21.31 -2.24 -9.17
N THR A 487 22.53 -1.77 -8.95
CA THR A 487 23.39 -2.33 -7.91
C THR A 487 23.54 -1.29 -6.82
N VAL A 488 22.97 -1.58 -5.66
CA VAL A 488 22.87 -0.64 -4.55
C VAL A 488 23.77 -1.14 -3.42
N THR A 489 24.76 -0.35 -3.06
CA THR A 489 25.64 -0.67 -1.94
C THR A 489 25.44 0.32 -0.80
N MET A 490 25.49 -0.20 0.42
CA MET A 490 25.33 0.63 1.60
C MET A 490 26.25 0.10 2.69
N THR A 491 26.96 1.01 3.35
CA THR A 491 27.83 0.65 4.46
C THR A 491 27.17 1.04 5.77
N PHE A 492 27.30 0.16 6.77
CA PHE A 492 26.67 0.35 8.09
C PHE A 492 27.77 0.37 9.14
N LYS A 493 27.98 1.50 9.79
CA LYS A 493 28.94 1.59 10.89
C LYS A 493 28.50 0.73 12.08
N LEU A 494 29.14 -0.41 12.27
CA LEU A 494 28.79 -1.30 13.36
C LEU A 494 29.60 -0.98 14.60
N GLY A 495 28.97 -1.09 15.75
CA GLY A 495 29.64 -0.92 17.01
C GLY A 495 30.00 -2.25 17.60
N PRO A 496 31.02 -2.27 18.46
CA PRO A 496 31.41 -3.53 19.11
C PRO A 496 30.40 -3.94 20.16
N ARG A 497 30.35 -5.24 20.42
CA ARG A 497 29.39 -5.78 21.36
C ARG A 497 29.75 -5.39 22.79
N LYS A 498 28.71 -5.17 23.60
CA LYS A 498 28.90 -4.75 24.97
C LYS A 498 29.44 -5.90 25.82
N ALA A 499 30.24 -5.55 26.82
CA ALA A 499 30.96 -6.55 27.59
C ALA A 499 30.06 -7.17 28.64
N THR A 500 30.25 -8.47 28.87
CA THR A 500 29.58 -9.21 29.92
C THR A 500 30.59 -10.16 30.56
N GLY A 501 30.69 -10.10 31.88
CA GLY A 501 31.38 -11.15 32.60
C GLY A 501 30.38 -12.21 33.01
N ARG A 502 29.86 -12.94 32.02
CA ARG A 502 28.54 -13.55 32.13
C ARG A 502 28.56 -15.00 32.59
N TRP A 503 29.48 -15.83 32.06
CA TRP A 503 29.67 -17.26 32.32
C TRP A 503 28.56 -18.14 31.78
N ASN A 504 27.45 -17.58 31.41
CA ASN A 504 26.40 -18.33 30.79
C ASN A 504 26.53 -18.26 29.29
N PRO A 505 26.17 -19.32 28.58
CA PRO A 505 26.03 -19.21 27.12
C PRO A 505 24.86 -18.30 26.79
N GLN A 506 25.12 -17.28 25.98
CA GLN A 506 24.07 -16.40 25.55
C GLN A 506 23.10 -17.16 24.63
N PRO A 507 21.83 -16.74 24.57
CA PRO A 507 20.86 -17.45 23.73
C PRO A 507 21.21 -17.36 22.25
N GLY A 508 20.93 -18.46 21.54
CA GLY A 508 21.32 -18.56 20.16
C GLY A 508 20.48 -17.68 19.26
N VAL A 509 21.06 -17.33 18.10
CA VAL A 509 20.40 -16.45 17.16
C VAL A 509 19.86 -17.25 15.99
N TYR A 510 18.57 -17.51 16.01
CA TYR A 510 17.85 -18.19 14.93
C TYR A 510 16.49 -17.53 14.78
N PRO A 511 15.98 -17.44 13.54
CA PRO A 511 14.66 -16.84 13.35
C PRO A 511 13.58 -17.71 13.92
N PRO A 512 12.49 -17.13 14.42
CA PRO A 512 11.47 -17.93 15.10
C PRO A 512 10.58 -18.68 14.13
N HIS A 513 10.30 -19.92 14.48
CA HIS A 513 9.37 -20.77 13.75
C HIS A 513 8.63 -21.61 14.78
N ALA A 514 7.67 -22.42 14.31
CA ALA A 514 6.85 -23.19 15.23
C ALA A 514 7.09 -24.69 15.13
N ALA A 515 6.84 -25.29 13.97
CA ALA A 515 6.93 -26.73 13.79
C ALA A 515 6.97 -27.10 12.32
N GLY A 516 8.01 -27.78 11.87
CA GLY A 516 8.05 -28.28 10.51
C GLY A 516 8.36 -27.24 9.45
N HIS A 517 7.55 -26.18 9.38
CA HIS A 517 7.77 -25.08 8.45
C HIS A 517 8.97 -24.29 8.93
N LEU A 518 10.12 -24.56 8.32
CA LEU A 518 11.35 -23.88 8.67
C LEU A 518 11.36 -22.46 8.11
N PRO A 519 12.22 -21.58 8.66
CA PRO A 519 12.42 -20.27 8.04
C PRO A 519 13.21 -20.34 6.75
N TYR A 520 13.63 -19.19 6.22
CA TYR A 520 13.85 -18.88 4.80
C TYR A 520 14.58 -19.96 4.02
N VAL A 521 13.82 -20.67 3.19
CA VAL A 521 14.26 -21.88 2.51
C VAL A 521 13.18 -22.21 1.48
N LEU A 522 13.55 -22.93 0.43
CA LEU A 522 12.61 -23.27 -0.62
C LEU A 522 11.84 -24.53 -0.27
N TYR A 523 10.53 -24.51 -0.48
CA TYR A 523 9.68 -25.66 -0.25
C TYR A 523 8.93 -26.02 -1.52
N ASP A 524 8.26 -27.17 -1.49
CA ASP A 524 7.59 -27.71 -2.67
C ASP A 524 6.30 -26.95 -2.98
N HIS A 536 6.17 -18.09 -3.62
CA HIS A 536 6.58 -18.95 -4.73
C HIS A 536 7.61 -19.96 -4.28
N GLY A 537 7.21 -20.92 -3.44
CA GLY A 537 8.21 -21.77 -2.84
C GLY A 537 8.67 -21.20 -1.51
N TYR A 538 9.72 -20.37 -1.59
CA TYR A 538 10.33 -19.60 -0.51
C TYR A 538 9.32 -18.98 0.43
N GLU A 539 9.39 -19.35 1.71
CA GLU A 539 8.47 -18.86 2.71
C GLU A 539 9.23 -18.26 3.86
N LYS A 540 8.76 -17.12 4.32
CA LYS A 540 9.09 -16.27 5.44
C LYS A 540 8.41 -16.77 6.70
N PRO A 541 9.01 -16.54 7.89
CA PRO A 541 8.41 -17.09 9.11
C PRO A 541 7.13 -16.40 9.54
N GLU A 542 6.44 -16.96 10.53
CA GLU A 542 5.20 -16.38 11.02
C GLU A 542 5.44 -15.11 11.81
N GLU A 543 6.46 -15.09 12.67
CA GLU A 543 6.82 -13.91 13.43
C GLU A 543 8.02 -13.25 12.79
N LEU A 544 8.18 -11.95 13.04
CA LEU A 544 9.30 -11.22 12.48
C LEU A 544 10.56 -11.50 13.28
N TRP A 545 11.70 -11.45 12.58
CA TRP A 545 13.00 -11.81 13.16
C TRP A 545 13.59 -10.54 13.75
N THR A 546 13.34 -10.33 15.04
CA THR A 546 13.83 -9.15 15.74
C THR A 546 15.32 -9.28 16.01
N ALA A 547 15.89 -8.19 16.54
CA ALA A 547 17.34 -8.02 16.56
C ALA A 547 17.93 -7.91 17.95
N LYS A 548 17.13 -8.06 19.01
CA LYS A 548 17.62 -7.94 20.37
C LYS A 548 17.56 -9.32 21.02
N SER A 549 18.64 -10.08 20.88
CA SER A 549 18.68 -11.43 21.41
C SER A 549 19.91 -11.73 22.26
N ARG A 550 20.83 -10.78 22.43
CA ARG A 550 21.94 -10.90 23.35
C ARG A 550 21.78 -9.85 24.44
N VAL A 551 22.41 -10.07 25.59
CA VAL A 551 22.12 -9.29 26.78
C VAL A 551 23.28 -8.38 27.14
N HIS A 552 22.94 -7.25 27.79
CA HIS A 552 23.73 -6.02 27.72
C HIS A 552 24.97 -5.93 28.61
N PRO A 553 24.90 -6.10 29.95
CA PRO A 553 23.97 -6.53 30.99
C PRO A 553 23.31 -5.42 31.82
N LEU A 554 23.10 -4.24 31.25
CA LEU A 554 22.47 -3.08 31.89
C LEU A 554 23.21 -2.63 33.16
N GLN B 1 -20.58 -17.14 0.17
CA GLN B 1 -21.22 -16.42 -0.92
C GLN B 1 -21.70 -15.05 -0.46
N VAL B 2 -21.69 -14.09 -1.39
CA VAL B 2 -22.11 -12.72 -1.12
C VAL B 2 -23.23 -12.36 -2.09
N GLN B 3 -24.38 -11.96 -1.55
CA GLN B 3 -25.53 -11.58 -2.35
C GLN B 3 -25.93 -10.16 -2.01
N LEU B 4 -26.49 -9.46 -3.00
CA LEU B 4 -26.87 -8.06 -2.87
C LEU B 4 -28.33 -7.92 -3.23
N GLN B 5 -29.13 -7.39 -2.30
CA GLN B 5 -30.56 -7.21 -2.48
C GLN B 5 -30.89 -5.73 -2.52
N GLU B 6 -31.76 -5.33 -3.44
CA GLU B 6 -32.10 -3.95 -3.70
C GLU B 6 -33.35 -3.54 -2.93
N SER B 7 -33.85 -2.34 -3.22
CA SER B 7 -35.09 -1.84 -2.64
C SER B 7 -35.67 -0.81 -3.59
N GLY B 8 -36.86 -1.08 -4.11
CA GLY B 8 -37.50 -0.20 -5.06
C GLY B 8 -38.69 0.53 -4.50
N PRO B 9 -38.75 1.85 -4.72
CA PRO B 9 -39.86 2.63 -4.16
C PRO B 9 -41.15 2.51 -4.96
N GLY B 10 -41.05 2.31 -6.27
CA GLY B 10 -42.22 2.24 -7.12
C GLY B 10 -42.12 3.15 -8.32
N LEU B 11 -43.03 4.13 -8.42
CA LEU B 11 -43.01 5.10 -9.50
C LEU B 11 -43.50 6.45 -9.00
N VAL B 12 -42.71 7.49 -9.24
CA VAL B 12 -43.12 8.88 -9.03
C VAL B 12 -42.68 9.67 -10.25
N ARG B 13 -43.63 10.18 -11.01
CA ARG B 13 -43.34 11.01 -12.18
C ARG B 13 -42.97 12.47 -11.86
N PRO B 14 -43.77 13.28 -11.07
CA PRO B 14 -43.51 14.72 -11.06
C PRO B 14 -42.32 15.17 -10.21
N SER B 15 -41.12 14.69 -10.56
CA SER B 15 -39.83 15.25 -10.12
C SER B 15 -39.65 15.19 -8.60
N GLN B 16 -39.63 13.97 -8.07
CA GLN B 16 -39.26 13.74 -6.67
C GLN B 16 -37.93 13.02 -6.61
N THR B 17 -37.36 12.99 -5.41
CA THR B 17 -36.05 12.38 -5.19
C THR B 17 -36.17 10.86 -5.26
N LEU B 18 -35.59 10.26 -6.29
CA LEU B 18 -35.60 8.81 -6.42
C LEU B 18 -34.60 8.19 -5.46
N SER B 19 -35.11 7.49 -4.45
CA SER B 19 -34.28 6.93 -3.40
C SER B 19 -34.25 5.41 -3.54
N LEU B 20 -33.06 4.83 -3.43
CA LEU B 20 -32.87 3.38 -3.47
C LEU B 20 -31.95 2.98 -2.32
N SER B 21 -31.78 1.67 -2.15
CA SER B 21 -30.93 1.12 -1.11
C SER B 21 -30.52 -0.28 -1.51
N CYS B 22 -29.35 -0.72 -1.05
CA CYS B 22 -28.82 -2.03 -1.41
C CYS B 22 -28.14 -2.63 -0.18
N THR B 23 -28.86 -3.48 0.54
CA THR B 23 -28.29 -4.18 1.69
C THR B 23 -27.50 -5.39 1.20
N VAL B 24 -26.26 -5.50 1.64
CA VAL B 24 -25.36 -6.58 1.21
C VAL B 24 -25.41 -7.69 2.25
N SER B 25 -25.64 -8.92 1.78
CA SER B 25 -25.67 -10.09 2.63
C SER B 25 -24.48 -10.99 2.33
N GLY B 26 -23.97 -11.63 3.37
CA GLY B 26 -22.83 -12.52 3.21
C GLY B 26 -21.55 -11.97 3.80
N ALA B 27 -21.31 -10.68 3.59
CA ALA B 27 -20.12 -10.03 4.11
C ALA B 27 -20.41 -8.54 4.28
N SER B 28 -19.86 -7.96 5.34
CA SER B 28 -20.06 -6.54 5.59
C SER B 28 -19.30 -5.70 4.58
N ILE B 29 -19.73 -4.45 4.44
CA ILE B 29 -19.15 -3.56 3.44
C ILE B 29 -18.01 -2.71 4.01
N SER B 30 -17.96 -2.53 5.32
CA SER B 30 -16.82 -1.85 5.95
C SER B 30 -15.80 -2.85 6.46
N SER B 31 -15.40 -3.78 5.59
CA SER B 31 -14.45 -4.83 5.95
C SER B 31 -13.25 -4.87 5.04
N GLY B 32 -13.06 -3.85 4.20
CA GLY B 32 -11.89 -3.83 3.35
C GLY B 32 -12.12 -3.16 2.01
N GLY B 33 -11.27 -3.50 1.04
CA GLY B 33 -11.25 -2.81 -0.23
C GLY B 33 -12.19 -3.38 -1.27
N TYR B 34 -13.36 -2.75 -1.39
CA TYR B 34 -14.36 -3.15 -2.40
C TYR B 34 -15.19 -1.93 -2.75
N TYR B 35 -15.25 -1.58 -4.03
CA TYR B 35 -16.17 -0.54 -4.46
C TYR B 35 -17.59 -1.10 -4.50
N TRP B 36 -18.56 -0.19 -4.57
CA TRP B 36 -19.98 -0.57 -4.57
C TRP B 36 -20.69 0.30 -5.60
N SER B 37 -20.99 -0.27 -6.76
CA SER B 37 -21.45 0.50 -7.89
C SER B 37 -22.97 0.54 -7.98
N TRP B 38 -23.46 1.47 -8.79
CA TRP B 38 -24.86 1.55 -9.19
C TRP B 38 -24.88 1.63 -10.71
N ILE B 39 -25.53 0.67 -11.35
CA ILE B 39 -25.42 0.48 -12.79
C ILE B 39 -26.82 0.40 -13.40
N ARG B 40 -27.07 1.21 -14.42
CA ARG B 40 -28.34 1.23 -15.14
C ARG B 40 -28.26 0.41 -16.42
N GLN B 41 -29.43 0.07 -16.96
CA GLN B 41 -29.53 -0.63 -18.24
C GLN B 41 -30.88 -0.30 -18.86
N HIS B 42 -30.86 0.45 -19.96
CA HIS B 42 -32.11 0.81 -20.62
C HIS B 42 -32.67 -0.40 -21.35
N PRO B 43 -33.98 -0.69 -21.21
CA PRO B 43 -34.56 -1.85 -21.89
C PRO B 43 -34.57 -1.69 -23.40
N GLY B 44 -33.77 -2.49 -24.08
CA GLY B 44 -33.50 -2.31 -25.49
C GLY B 44 -32.22 -1.57 -25.78
N LYS B 45 -31.34 -1.40 -24.79
CA LYS B 45 -30.11 -0.66 -24.98
C LYS B 45 -29.07 -1.18 -24.00
N GLY B 46 -27.85 -0.67 -24.11
CA GLY B 46 -26.74 -1.17 -23.35
C GLY B 46 -26.74 -0.70 -21.90
N LEU B 47 -25.71 -1.11 -21.18
CA LEU B 47 -25.58 -0.78 -19.77
C LEU B 47 -25.08 0.65 -19.59
N GLU B 48 -25.35 1.20 -18.41
CA GLU B 48 -24.95 2.57 -18.07
C GLU B 48 -24.51 2.59 -16.62
N TRP B 49 -23.41 3.28 -16.35
CA TRP B 49 -22.80 3.30 -15.02
C TRP B 49 -23.01 4.66 -14.38
N ILE B 50 -23.49 4.64 -13.13
CA ILE B 50 -23.80 5.87 -12.41
C ILE B 50 -22.59 6.28 -11.57
N GLY B 51 -22.16 5.40 -10.68
CA GLY B 51 -21.02 5.70 -9.85
C GLY B 51 -20.82 4.61 -8.82
N HIS B 52 -19.63 4.62 -8.22
CA HIS B 52 -19.31 3.68 -7.15
C HIS B 52 -18.71 4.45 -5.98
N ILE B 53 -18.71 3.80 -4.82
CA ILE B 53 -18.32 4.44 -3.57
C ILE B 53 -17.51 3.46 -2.74
N TYR B 54 -16.50 3.98 -2.05
CA TYR B 54 -15.74 3.24 -1.07
C TYR B 54 -16.35 3.46 0.32
N TYR B 55 -15.95 2.62 1.28
CA TYR B 55 -16.57 2.71 2.59
C TYR B 55 -16.07 3.90 3.41
N SER B 56 -15.01 4.57 2.97
CA SER B 56 -14.44 5.69 3.69
C SER B 56 -14.87 7.04 3.11
N GLY B 57 -16.00 7.08 2.41
CA GLY B 57 -16.62 8.31 1.99
C GLY B 57 -16.35 8.72 0.56
N THR B 58 -15.23 8.29 -0.02
CA THR B 58 -14.86 8.71 -1.37
C THR B 58 -15.75 8.01 -2.40
N VAL B 59 -16.26 8.80 -3.34
CA VAL B 59 -17.23 8.32 -4.33
C VAL B 59 -16.89 8.92 -5.68
N TYR B 60 -16.79 8.08 -6.70
CA TYR B 60 -16.65 8.52 -8.08
C TYR B 60 -18.02 8.53 -8.73
N TYR B 61 -18.25 9.49 -9.62
CA TYR B 61 -19.52 9.64 -10.32
C TYR B 61 -19.32 9.57 -11.82
N ASN B 62 -20.42 9.39 -12.53
CA ASN B 62 -20.40 9.54 -13.97
C ASN B 62 -20.38 11.02 -14.32
N PRO B 63 -19.55 11.44 -15.29
CA PRO B 63 -19.49 12.87 -15.63
C PRO B 63 -20.73 13.41 -16.30
N SER B 64 -21.57 12.54 -16.88
CA SER B 64 -22.81 13.01 -17.49
C SER B 64 -23.91 13.19 -16.45
N LEU B 65 -23.95 12.35 -15.42
CA LEU B 65 -24.95 12.40 -14.37
C LEU B 65 -24.37 12.90 -13.05
N ARG B 66 -23.43 13.84 -13.11
CA ARG B 66 -22.67 14.21 -11.92
C ARG B 66 -23.49 15.11 -11.00
N SER B 67 -24.20 16.09 -11.56
CA SER B 67 -24.93 17.06 -10.76
C SER B 67 -26.36 16.65 -10.48
N ARG B 68 -26.67 15.36 -10.59
CA ARG B 68 -28.01 14.85 -10.31
C ARG B 68 -28.03 13.76 -9.26
N VAL B 69 -27.07 12.84 -9.28
CA VAL B 69 -27.13 11.65 -8.44
C VAL B 69 -26.28 11.87 -7.19
N SER B 70 -26.48 10.99 -6.21
CA SER B 70 -25.72 11.04 -4.97
C SER B 70 -25.66 9.64 -4.37
N ILE B 71 -24.47 9.06 -4.31
CA ILE B 71 -24.26 7.77 -3.66
C ILE B 71 -23.82 8.04 -2.23
N SER B 72 -24.25 7.17 -1.32
CA SER B 72 -23.90 7.33 0.08
C SER B 72 -23.88 5.97 0.75
N ILE B 73 -23.24 5.90 1.91
CA ILE B 73 -23.12 4.67 2.67
C ILE B 73 -23.48 4.95 4.12
N ASP B 74 -24.48 4.24 4.63
CA ASP B 74 -24.78 4.09 6.05
C ASP B 74 -25.04 2.62 6.33
N ASN B 75 -24.14 1.78 5.80
CA ASN B 75 -24.34 0.33 5.61
C ASN B 75 -25.62 0.05 4.84
N GLN B 76 -25.92 0.89 3.85
CA GLN B 76 -27.19 0.79 3.15
C GLN B 76 -27.03 0.89 1.63
N LEU B 77 -25.99 1.59 1.17
CA LEU B 77 -25.69 1.84 -0.25
C LEU B 77 -26.88 2.54 -0.95
N SER B 78 -27.09 3.78 -0.54
CA SER B 78 -28.20 4.56 -1.06
C SER B 78 -27.87 5.19 -2.41
N LEU B 79 -28.91 5.69 -3.07
CA LEU B 79 -28.77 6.41 -4.34
C LEU B 79 -29.91 7.41 -4.43
N LYS B 80 -29.59 8.68 -4.64
CA LYS B 80 -30.56 9.75 -4.51
C LYS B 80 -30.65 10.60 -5.77
N VAL B 81 -30.83 9.96 -6.93
CA VAL B 81 -30.91 10.67 -8.21
C VAL B 81 -32.17 11.54 -8.25
N ALA B 82 -31.98 12.83 -8.46
CA ALA B 82 -33.06 13.81 -8.52
C ALA B 82 -33.12 14.38 -9.93
N SER B 83 -34.06 15.34 -10.11
CA SER B 83 -34.33 16.02 -11.38
C SER B 83 -34.70 15.01 -12.47
N VAL B 84 -35.87 14.41 -12.29
CA VAL B 84 -36.31 13.27 -13.10
C VAL B 84 -37.24 13.77 -14.19
N THR B 85 -37.08 15.04 -14.59
CA THR B 85 -37.83 15.58 -15.73
C THR B 85 -37.50 14.84 -17.02
N ALA B 86 -36.26 14.40 -17.18
CA ALA B 86 -35.93 13.40 -18.19
C ALA B 86 -36.42 12.06 -17.66
N ALA B 87 -37.24 11.36 -18.46
CA ALA B 87 -37.89 10.14 -17.99
C ALA B 87 -36.94 8.96 -18.19
N ASP B 88 -35.96 8.85 -17.29
CA ASP B 88 -35.13 7.66 -17.21
C ASP B 88 -35.60 6.81 -16.04
N THR B 89 -36.07 5.60 -16.36
CA THR B 89 -36.61 4.69 -15.36
C THR B 89 -35.83 3.40 -15.26
N ALA B 90 -34.83 3.20 -16.13
CA ALA B 90 -34.51 1.94 -16.77
C ALA B 90 -34.49 0.68 -15.91
N VAL B 91 -33.45 0.54 -15.09
CA VAL B 91 -33.24 -0.60 -14.19
C VAL B 91 -32.08 -0.18 -13.31
N TYR B 92 -32.05 -0.60 -12.05
CA TYR B 92 -30.97 -0.21 -11.16
C TYR B 92 -30.35 -1.44 -10.52
N TYR B 93 -29.13 -1.76 -10.94
CA TYR B 93 -28.34 -2.85 -10.38
C TYR B 93 -27.38 -2.32 -9.32
N CYS B 94 -26.97 -3.20 -8.42
CA CYS B 94 -25.82 -2.96 -7.57
C CYS B 94 -24.71 -3.92 -7.96
N ALA B 95 -23.48 -3.45 -7.84
CA ALA B 95 -22.35 -4.26 -8.27
C ALA B 95 -21.14 -3.90 -7.41
N ARG B 96 -20.25 -4.87 -7.27
CA ARG B 96 -19.07 -4.74 -6.42
C ARG B 96 -17.82 -5.03 -7.22
N VAL B 97 -16.81 -4.17 -7.05
CA VAL B 97 -15.51 -4.33 -7.70
C VAL B 97 -14.45 -4.36 -6.62
N ARG B 98 -13.48 -5.25 -6.77
CA ARG B 98 -12.32 -5.22 -5.90
C ARG B 98 -11.42 -4.06 -6.29
N VAL B 99 -10.95 -3.32 -5.30
CA VAL B 99 -10.14 -2.13 -5.54
C VAL B 99 -8.77 -2.55 -6.06
N ASP B 100 -8.35 -1.93 -7.17
CA ASP B 100 -7.11 -2.31 -7.83
C ASP B 100 -5.89 -1.87 -7.02
N SER B 101 -4.72 -2.31 -7.46
CA SER B 101 -3.51 -2.11 -6.67
C SER B 101 -2.75 -0.86 -7.10
N VAL B 102 -2.85 -0.48 -8.37
CA VAL B 102 -1.98 0.53 -8.93
C VAL B 102 -2.73 1.82 -9.24
N ARG B 103 -4.07 1.81 -9.10
CA ARG B 103 -5.01 2.93 -9.31
C ARG B 103 -5.11 3.37 -10.78
N GLY B 104 -4.28 2.84 -11.66
CA GLY B 104 -4.27 3.27 -13.05
C GLY B 104 -5.35 2.60 -13.87
N ALA B 105 -5.27 1.28 -13.98
CA ALA B 105 -6.23 0.51 -14.75
C ALA B 105 -6.97 -0.44 -13.81
N GLY B 106 -8.21 -0.73 -14.16
CA GLY B 106 -9.03 -1.63 -13.37
C GLY B 106 -8.54 -3.05 -13.45
N ASP B 107 -8.16 -3.62 -12.30
CA ASP B 107 -7.66 -4.98 -12.27
C ASP B 107 -8.78 -5.99 -12.11
N ASN B 108 -9.95 -5.57 -11.63
CA ASN B 108 -11.07 -6.45 -11.37
C ASN B 108 -12.33 -5.93 -12.02
N GLY B 109 -13.32 -6.82 -12.14
CA GLY B 109 -14.61 -6.46 -12.71
C GLY B 109 -15.75 -6.72 -11.73
N PHE B 110 -16.98 -6.46 -12.16
CA PHE B 110 -18.14 -6.55 -11.29
C PHE B 110 -18.57 -8.01 -11.20
N ASP B 111 -17.95 -8.74 -10.28
CA ASP B 111 -18.32 -10.16 -10.15
C ASP B 111 -19.63 -10.35 -9.36
N PRO B 112 -19.79 -9.84 -8.10
CA PRO B 112 -21.11 -10.03 -7.46
C PRO B 112 -22.10 -8.93 -7.82
N TRP B 113 -23.15 -9.27 -8.54
CA TRP B 113 -24.18 -8.31 -8.92
C TRP B 113 -25.37 -8.41 -7.98
N GLY B 114 -26.27 -7.43 -8.09
CA GLY B 114 -27.55 -7.49 -7.42
C GLY B 114 -28.58 -8.19 -8.27
N HIS B 115 -29.80 -8.25 -7.73
CA HIS B 115 -30.90 -8.87 -8.46
C HIS B 115 -31.58 -7.91 -9.42
N GLY B 116 -31.45 -6.61 -9.20
CA GLY B 116 -32.05 -5.63 -10.07
C GLY B 116 -33.45 -5.23 -9.68
N THR B 117 -33.71 -3.93 -9.61
CA THR B 117 -35.04 -3.41 -9.35
C THR B 117 -35.51 -2.61 -10.56
N LEU B 118 -36.82 -2.66 -10.80
CA LEU B 118 -37.44 -1.98 -11.94
C LEU B 118 -38.17 -0.76 -11.40
N VAL B 119 -37.58 0.40 -11.59
CA VAL B 119 -38.22 1.68 -11.29
C VAL B 119 -39.02 2.08 -12.53
N THR B 120 -40.17 2.72 -12.32
CA THR B 120 -40.92 3.32 -13.41
C THR B 120 -40.96 4.82 -13.22
N VAL B 121 -40.95 5.56 -14.31
CA VAL B 121 -41.08 7.01 -14.26
C VAL B 121 -42.15 7.44 -15.27
N ALA C 1 -11.20 2.57 -24.88
CA ALA C 1 -10.92 3.94 -24.47
C ALA C 1 -12.11 4.53 -23.73
N ALA C 2 -12.31 5.84 -23.85
CA ALA C 2 -13.44 6.52 -23.24
C ALA C 2 -14.74 6.29 -23.98
N ALA C 3 -14.70 5.73 -25.18
CA ALA C 3 -15.91 5.40 -25.93
C ALA C 3 -15.67 4.07 -26.64
N LEU C 4 -16.26 3.00 -26.10
CA LEU C 4 -16.11 1.68 -26.68
C LEU C 4 -17.12 1.47 -27.80
N THR C 5 -16.66 0.85 -28.89
CA THR C 5 -17.47 0.58 -30.06
C THR C 5 -17.81 -0.90 -30.11
N GLN C 6 -19.08 -1.20 -30.39
CA GLN C 6 -19.55 -2.58 -30.44
C GLN C 6 -20.73 -2.64 -31.40
N PRO C 7 -20.78 -3.65 -32.28
CA PRO C 7 -21.88 -3.72 -33.25
C PRO C 7 -23.20 -4.14 -32.63
N LEU C 8 -24.25 -4.22 -33.45
CA LEU C 8 -25.60 -4.41 -32.95
C LEU C 8 -25.88 -5.86 -32.56
N SER C 9 -25.79 -6.77 -33.53
CA SER C 9 -26.16 -8.16 -33.28
C SER C 9 -25.39 -9.07 -34.22
N VAL C 10 -25.28 -10.34 -33.82
CA VAL C 10 -24.60 -11.36 -34.62
C VAL C 10 -25.55 -12.55 -34.78
N SER C 11 -25.32 -13.33 -35.85
CA SER C 11 -26.14 -14.50 -36.17
C SER C 11 -25.24 -15.72 -36.19
N VAL C 12 -25.68 -16.80 -35.54
CA VAL C 12 -24.90 -18.02 -35.42
C VAL C 12 -25.83 -19.23 -35.43
N SER C 13 -25.24 -20.39 -35.71
CA SER C 13 -25.85 -21.71 -35.68
C SER C 13 -25.13 -22.57 -34.64
N PRO C 14 -25.81 -23.57 -34.07
CA PRO C 14 -25.11 -24.53 -33.21
C PRO C 14 -24.10 -25.36 -33.99
N GLY C 15 -22.91 -25.51 -33.43
CA GLY C 15 -21.83 -26.23 -34.06
C GLY C 15 -20.71 -25.39 -34.59
N GLN C 16 -20.74 -24.07 -34.37
CA GLN C 16 -19.68 -23.18 -34.84
C GLN C 16 -19.37 -22.13 -33.79
N THR C 17 -18.64 -21.09 -34.17
CA THR C 17 -18.25 -20.03 -33.26
C THR C 17 -18.90 -18.71 -33.67
N ALA C 18 -18.91 -17.76 -32.73
CA ALA C 18 -19.39 -16.41 -32.97
C ALA C 18 -18.42 -15.45 -32.29
N ILE C 19 -17.62 -14.76 -33.08
CA ILE C 19 -16.63 -13.82 -32.58
C ILE C 19 -17.17 -12.41 -32.73
N PHE C 20 -17.12 -11.64 -31.65
CA PHE C 20 -17.58 -10.26 -31.64
C PHE C 20 -16.39 -9.33 -31.64
N THR C 21 -16.68 -8.05 -31.87
CA THR C 21 -15.66 -7.01 -31.88
C THR C 21 -16.01 -5.97 -30.83
N CYS C 22 -15.03 -5.59 -30.02
CA CYS C 22 -15.14 -4.48 -29.09
C CYS C 22 -14.02 -3.52 -29.44
N SER C 23 -14.29 -2.60 -30.36
CA SER C 23 -13.28 -1.67 -30.80
C SER C 23 -13.04 -0.59 -29.76
N GLY C 24 -11.89 0.06 -29.86
CA GLY C 24 -11.51 1.09 -28.91
C GLY C 24 -10.09 1.58 -29.13
N ASP C 25 -9.86 2.87 -28.91
CA ASP C 25 -8.54 3.45 -29.14
C ASP C 25 -7.57 3.04 -28.04
N ASN C 26 -6.46 2.41 -28.45
CA ASN C 26 -5.43 1.87 -27.56
C ASN C 26 -6.00 0.89 -26.55
N LEU C 27 -6.83 -0.04 -27.02
CA LEU C 27 -7.43 -1.04 -26.15
C LEU C 27 -6.50 -2.21 -25.88
N GLY C 28 -5.39 -2.31 -26.59
CA GLY C 28 -4.43 -3.37 -26.31
C GLY C 28 -3.71 -3.19 -24.99
N ASP C 29 -3.43 -1.95 -24.62
CA ASP C 29 -2.81 -1.66 -23.33
C ASP C 29 -3.86 -1.34 -22.28
N LYS C 30 -4.92 -2.16 -22.20
CA LYS C 30 -6.02 -1.97 -21.26
C LYS C 30 -6.61 -3.34 -20.94
N TYR C 31 -7.44 -3.36 -19.89
CA TYR C 31 -8.18 -4.56 -19.50
C TYR C 31 -9.61 -4.46 -20.01
N VAL C 32 -10.11 -5.57 -20.57
CA VAL C 32 -11.48 -5.65 -21.09
C VAL C 32 -12.19 -6.78 -20.37
N TYR C 33 -13.40 -6.51 -19.88
CA TYR C 33 -14.19 -7.47 -19.14
C TYR C 33 -15.50 -7.72 -19.87
N TRP C 34 -15.89 -8.99 -19.97
CA TRP C 34 -17.09 -9.38 -20.68
C TRP C 34 -18.17 -9.81 -19.70
N PHE C 35 -19.41 -9.44 -20.02
CA PHE C 35 -20.54 -9.69 -19.13
C PHE C 35 -21.65 -10.39 -19.90
N GLN C 36 -22.10 -11.53 -19.35
CA GLN C 36 -23.16 -12.33 -19.94
C GLN C 36 -24.48 -11.99 -19.24
N GLN C 37 -25.39 -11.35 -19.97
CA GLN C 37 -26.70 -11.00 -19.43
C GLN C 37 -27.77 -11.78 -20.18
N ARG C 38 -28.21 -12.88 -19.59
CA ARG C 38 -29.38 -13.59 -20.06
C ARG C 38 -30.62 -12.72 -19.82
N PRO C 39 -31.66 -12.88 -20.65
CA PRO C 39 -32.85 -12.04 -20.49
C PRO C 39 -33.61 -12.33 -19.19
N GLY C 40 -34.03 -11.26 -18.53
CA GLY C 40 -34.69 -11.37 -17.24
C GLY C 40 -33.77 -11.53 -16.06
N GLN C 41 -32.46 -11.49 -16.26
CA GLN C 41 -31.49 -11.72 -15.20
C GLN C 41 -30.41 -10.64 -15.23
N SER C 42 -29.69 -10.55 -14.12
CA SER C 42 -28.57 -9.64 -14.00
C SER C 42 -27.39 -10.19 -14.81
N PRO C 43 -26.46 -9.32 -15.22
CA PRO C 43 -25.25 -9.80 -15.89
C PRO C 43 -24.35 -10.59 -14.96
N ALA C 44 -23.49 -11.41 -15.56
CA ALA C 44 -22.51 -12.20 -14.83
C ALA C 44 -21.14 -11.99 -15.46
N LEU C 45 -20.10 -12.00 -14.63
CA LEU C 45 -18.74 -11.77 -15.09
C LEU C 45 -18.28 -12.96 -15.93
N LEU C 46 -18.26 -12.80 -17.25
CA LEU C 46 -17.98 -13.90 -18.16
C LEU C 46 -16.48 -14.15 -18.30
N ILE C 47 -15.77 -13.16 -18.83
CA ILE C 47 -14.32 -13.25 -19.08
C ILE C 47 -13.69 -11.98 -18.52
N TYR C 48 -12.76 -12.15 -17.58
CA TYR C 48 -12.07 -11.01 -16.98
C TYR C 48 -10.60 -11.03 -17.34
N GLN C 49 -10.04 -9.83 -17.51
CA GLN C 49 -8.63 -9.58 -17.83
C GLN C 49 -8.20 -10.27 -19.14
N ASP C 50 -9.13 -10.27 -20.11
CA ASP C 50 -8.95 -10.59 -21.52
C ASP C 50 -8.67 -12.06 -21.83
N ASN C 51 -8.40 -12.87 -20.82
CA ASN C 51 -8.18 -14.30 -21.06
C ASN C 51 -8.83 -15.20 -20.02
N LYS C 52 -9.10 -14.73 -18.81
CA LYS C 52 -9.38 -15.60 -17.68
C LYS C 52 -10.88 -15.79 -17.51
N ARG C 53 -11.24 -16.92 -16.89
CA ARG C 53 -12.62 -17.24 -16.61
C ARG C 53 -12.72 -17.68 -15.16
N PRO C 54 -13.81 -17.33 -14.46
CA PRO C 54 -14.01 -17.80 -13.09
C PRO C 54 -14.52 -19.24 -13.09
N SER C 55 -14.75 -19.75 -11.87
CA SER C 55 -15.17 -21.14 -11.71
C SER C 55 -16.62 -21.36 -12.15
N GLY C 56 -17.48 -20.36 -11.95
CA GLY C 56 -18.86 -20.49 -12.37
C GLY C 56 -19.10 -20.40 -13.86
N ILE C 57 -18.12 -19.91 -14.61
CA ILE C 57 -18.22 -19.79 -16.06
C ILE C 57 -17.52 -21.00 -16.67
N PRO C 58 -18.17 -21.72 -17.60
CA PRO C 58 -17.56 -22.94 -18.15
C PRO C 58 -16.38 -22.63 -19.05
N GLU C 59 -15.69 -23.70 -19.44
CA GLU C 59 -14.42 -23.60 -20.16
C GLU C 59 -14.59 -23.53 -21.67
N ARG C 60 -15.74 -23.03 -22.15
CA ARG C 60 -15.97 -22.82 -23.57
C ARG C 60 -15.92 -21.34 -23.94
N PHE C 61 -15.69 -20.45 -22.97
CA PHE C 61 -15.55 -19.02 -23.22
C PHE C 61 -14.08 -18.63 -23.18
N SER C 62 -13.65 -17.87 -24.17
CA SER C 62 -12.28 -17.34 -24.19
C SER C 62 -12.26 -16.06 -24.99
N GLY C 63 -11.37 -15.15 -24.63
CA GLY C 63 -11.27 -13.89 -25.32
C GLY C 63 -9.85 -13.51 -25.71
N SER C 64 -9.67 -12.29 -26.19
CA SER C 64 -8.37 -11.77 -26.58
C SER C 64 -8.41 -10.26 -26.50
N ASN C 65 -7.23 -9.65 -26.57
CA ASN C 65 -7.14 -8.19 -26.56
C ASN C 65 -5.82 -7.81 -27.24
N SER C 66 -5.92 -7.37 -28.49
CA SER C 66 -4.74 -7.05 -29.30
C SER C 66 -5.00 -5.80 -30.12
N GLY C 67 -4.08 -4.85 -30.05
CA GLY C 67 -4.16 -3.65 -30.86
C GLY C 67 -5.24 -2.67 -30.44
N ASN C 68 -6.23 -2.46 -31.29
CA ASN C 68 -7.34 -1.56 -31.00
C ASN C 68 -8.66 -2.30 -30.90
N THR C 69 -8.63 -3.60 -30.59
CA THR C 69 -9.84 -4.39 -30.53
C THR C 69 -9.68 -5.49 -29.49
N ALA C 70 -10.82 -5.98 -29.00
CA ALA C 70 -10.85 -7.09 -28.06
C ALA C 70 -12.01 -7.99 -28.43
N THR C 71 -11.71 -9.25 -28.74
CA THR C 71 -12.71 -10.20 -29.20
C THR C 71 -13.10 -11.15 -28.07
N LEU C 72 -14.30 -11.71 -28.20
CA LEU C 72 -14.79 -12.74 -27.30
C LEU C 72 -15.25 -13.91 -28.16
N THR C 73 -14.56 -15.05 -28.03
CA THR C 73 -14.83 -16.22 -28.85
C THR C 73 -15.57 -17.27 -28.03
N ILE C 74 -16.71 -17.72 -28.54
CA ILE C 74 -17.45 -18.80 -27.93
C ILE C 74 -17.18 -20.06 -28.75
N SER C 75 -16.66 -21.10 -28.10
CA SER C 75 -16.32 -22.35 -28.77
C SER C 75 -17.47 -23.33 -28.57
N GLY C 76 -18.19 -23.62 -29.65
CA GLY C 76 -19.32 -24.53 -29.56
C GLY C 76 -20.51 -23.93 -28.84
N THR C 77 -21.17 -22.94 -29.46
CA THR C 77 -22.30 -22.28 -28.83
C THR C 77 -23.48 -23.22 -28.70
N GLN C 78 -24.09 -23.25 -27.52
CA GLN C 78 -25.23 -24.08 -27.23
C GLN C 78 -26.52 -23.29 -27.42
N SER C 79 -27.64 -23.86 -26.98
CA SER C 79 -28.94 -23.20 -27.08
C SER C 79 -29.28 -22.39 -25.84
N THR C 80 -28.27 -21.96 -25.07
CA THR C 80 -28.47 -21.13 -23.91
C THR C 80 -27.57 -19.91 -23.89
N ASP C 81 -26.79 -19.68 -24.95
CA ASP C 81 -25.88 -18.54 -25.02
C ASP C 81 -26.48 -17.34 -25.73
N GLU C 82 -27.79 -17.36 -26.02
CA GLU C 82 -28.46 -16.22 -26.65
C GLU C 82 -28.63 -15.14 -25.59
N ALA C 83 -27.58 -14.35 -25.40
CA ALA C 83 -27.55 -13.33 -24.36
C ALA C 83 -26.77 -12.13 -24.84
N ASP C 84 -27.10 -10.96 -24.30
CA ASP C 84 -26.38 -9.74 -24.63
C ASP C 84 -25.02 -9.74 -23.96
N TYR C 85 -23.96 -9.56 -24.75
CA TYR C 85 -22.59 -9.57 -24.26
C TYR C 85 -22.02 -8.16 -24.35
N TYR C 86 -21.61 -7.62 -23.22
CA TYR C 86 -21.09 -6.25 -23.12
C TYR C 86 -19.62 -6.31 -22.76
N CYS C 87 -18.81 -5.47 -23.40
CA CYS C 87 -17.42 -5.29 -23.02
C CYS C 87 -17.27 -4.05 -22.17
N GLN C 88 -16.42 -4.14 -21.15
CA GLN C 88 -16.27 -3.07 -20.17
C GLN C 88 -14.79 -2.87 -19.85
N THR C 89 -14.34 -1.62 -19.90
CA THR C 89 -12.97 -1.25 -19.57
C THR C 89 -13.00 -0.20 -18.46
N TRP C 90 -11.83 0.35 -18.17
CA TRP C 90 -11.65 1.39 -17.13
C TRP C 90 -10.81 2.52 -17.72
N ASP C 91 -11.47 3.52 -18.31
CA ASP C 91 -10.77 4.74 -18.71
C ASP C 91 -10.95 5.78 -17.59
N SER C 92 -10.39 5.41 -16.43
CA SER C 92 -10.29 6.17 -15.18
C SER C 92 -11.62 6.38 -14.46
N THR C 93 -12.76 6.07 -15.09
CA THR C 93 -13.98 5.98 -14.29
C THR C 93 -14.63 4.60 -14.37
N VAL C 94 -15.28 4.30 -15.50
CA VAL C 94 -15.70 2.99 -16.01
C VAL C 94 -16.25 3.29 -17.41
N VAL C 95 -16.00 2.42 -18.39
CA VAL C 95 -16.55 2.58 -19.73
C VAL C 95 -17.24 1.29 -20.11
N PHE C 96 -18.56 1.36 -20.32
CA PHE C 96 -19.33 0.20 -20.78
C PHE C 96 -19.53 0.26 -22.28
N GLY C 97 -19.61 -0.93 -22.89
CA GLY C 97 -19.82 -1.04 -24.32
C GLY C 97 -21.29 -1.10 -24.69
N GLY C 98 -21.54 -1.18 -25.99
CA GLY C 98 -22.89 -1.21 -26.50
C GLY C 98 -23.59 -2.54 -26.28
N GLY C 99 -23.00 -3.62 -26.79
CA GLY C 99 -23.57 -4.94 -26.61
C GLY C 99 -23.90 -5.65 -27.89
N THR C 100 -23.30 -6.83 -28.10
CA THR C 100 -23.61 -7.67 -29.25
C THR C 100 -24.74 -8.61 -28.87
N LYS C 101 -25.92 -8.38 -29.43
CA LYS C 101 -27.08 -9.21 -29.14
C LYS C 101 -26.95 -10.54 -29.85
N LEU C 102 -26.85 -11.62 -29.08
CA LEU C 102 -26.80 -12.95 -29.67
C LEU C 102 -28.14 -13.65 -29.48
#